data_8BHT
#
_entry.id   8BHT
#
_cell.length_a   1.00
_cell.length_b   1.00
_cell.length_c   1.00
_cell.angle_alpha   90.00
_cell.angle_beta   90.00
_cell.angle_gamma   90.00
#
_symmetry.space_group_name_H-M   'P 1'
#
loop_
_entity.id
_entity.type
_entity.pdbx_description
1 polymer 'Broad substrate specificity ATP-binding cassette transporter ABCG2'
2 non-polymer "ADENOSINE-5'-TRIPHOSPHATE"
3 non-polymer CHOLESTEROL
4 non-polymer tariquidar
#
_entity_poly.entity_id   1
_entity_poly.type   'polypeptide(L)'
_entity_poly.pdbx_seq_one_letter_code
;MDYKDDDDKGSSSSNVEVFIPVSQGNTNGFPATASNDLKAFTEGAVLSFHNICYRVKLKSGFLPCRKPVEKEILSNINGI
MKPGLNAILGPTGGGKSSLLDVLAARKDPSGLSGDVLINGAPRPANFKCNSGYVVQDDVVMGTLTVRENLQFSAALRLAT
TMTNHEKNERINRVIQELGLDKVADSKVGTQFIRGVSGGERKRTSIGMELITDPSILFLDEPTTGLDSSTANAVLLLLKR
MSKQGRTIIFSIHQPRYSIFKLFDSLTLLASGRLMFHGPAQEALGYFESAGYHCEAYNNPADFFLDIINGDSTAVALNRE
EDFKATEIIEPSKQDKPLIEKLAEIYVNSSFYKETKAELHQLSGGEKKKKITVFKEISYTTSFCHQLRWVSKRSFKNLLG
NPQASIAQIIVTVVLGLVIGAIYFGLKNDSTGIQNRAGVLFFLTTNQCFSSVSAVELFVVEKKLFIHEYISGYYRVSSYF
LGKLLSDLLPMRMLPSIIFTCIVYFMLGLKPKADAFFVMMFTLMMVAYSASSMALAIAAGQSVVSVATLLMTICFVFMMI
FSGLLVNLTTIASWLSWLQYFSIPRYGFTALQHNEFLGQNFCPGLNATGNNPCNYATCTGEEYLVKQGIDLSPWGLWKNH
VALACMIVIFLTIAYLKLLFLKKYS
;
_entity_poly.pdbx_strand_id   A,B
#
# COMPACT_ATOMS: atom_id res chain seq x y z
N GLY A 44 -39.50 -24.86 5.42
CA GLY A 44 -38.33 -24.04 5.15
C GLY A 44 -38.02 -23.95 3.68
N ALA A 45 -36.84 -23.43 3.36
CA ALA A 45 -36.42 -23.30 1.97
C ALA A 45 -35.58 -24.51 1.56
N VAL A 46 -35.72 -24.89 0.30
CA VAL A 46 -35.00 -26.03 -0.25
C VAL A 46 -34.35 -25.62 -1.56
N LEU A 47 -33.08 -25.24 -1.49
CA LEU A 47 -32.36 -24.76 -2.67
C LEU A 47 -31.71 -25.96 -3.36
N SER A 48 -32.19 -26.26 -4.56
CA SER A 48 -31.81 -27.48 -5.27
C SER A 48 -31.13 -27.12 -6.58
N PHE A 49 -29.81 -27.14 -6.59
CA PHE A 49 -29.09 -27.02 -7.85
C PHE A 49 -29.10 -28.37 -8.58
N HIS A 50 -28.75 -28.32 -9.86
CA HIS A 50 -28.82 -29.49 -10.70
C HIS A 50 -28.01 -29.28 -11.97
N ASN A 51 -27.18 -30.26 -12.29
CA ASN A 51 -26.37 -30.27 -13.51
C ASN A 51 -25.78 -28.89 -13.80
N ILE A 52 -25.15 -28.29 -12.80
CA ILE A 52 -24.52 -26.99 -12.99
C ILE A 52 -23.25 -27.14 -13.80
N CYS A 53 -22.98 -26.14 -14.64
CA CYS A 53 -21.73 -26.05 -15.37
C CYS A 53 -21.49 -24.58 -15.68
N TYR A 54 -20.39 -24.03 -15.20
CA TYR A 54 -20.09 -22.60 -15.35
C TYR A 54 -18.81 -22.43 -16.16
N ARG A 55 -18.88 -21.60 -17.20
CA ARG A 55 -17.78 -21.35 -18.11
C ARG A 55 -17.39 -19.88 -18.01
N VAL A 56 -16.12 -19.62 -17.73
CA VAL A 56 -15.64 -18.25 -17.57
C VAL A 56 -14.72 -17.89 -18.73
N GLU A 70 -12.06 -20.87 -22.68
CA GLU A 70 -13.30 -21.16 -21.97
C GLU A 70 -13.07 -22.12 -20.81
N LYS A 71 -12.21 -21.71 -19.89
CA LYS A 71 -11.95 -22.51 -18.70
C LYS A 71 -13.24 -22.75 -17.95
N GLU A 72 -13.48 -24.01 -17.56
CA GLU A 72 -14.70 -24.41 -16.87
C GLU A 72 -14.33 -24.69 -15.42
N ILE A 73 -14.51 -23.68 -14.57
CA ILE A 73 -14.12 -23.79 -13.17
C ILE A 73 -14.99 -24.82 -12.46
N LEU A 74 -16.28 -24.90 -12.82
CA LEU A 74 -17.19 -25.89 -12.27
C LEU A 74 -17.71 -26.77 -13.38
N SER A 75 -17.54 -28.08 -13.24
CA SER A 75 -17.81 -29.01 -14.33
C SER A 75 -19.22 -29.57 -14.26
N ASN A 76 -19.57 -30.23 -13.16
CA ASN A 76 -20.87 -30.88 -13.01
C ASN A 76 -21.18 -30.96 -11.53
N ILE A 77 -22.26 -30.31 -11.10
CA ILE A 77 -22.58 -30.18 -9.69
C ILE A 77 -24.09 -30.22 -9.49
N ASN A 78 -24.57 -31.23 -8.77
CA ASN A 78 -25.97 -31.33 -8.39
C ASN A 78 -26.08 -31.64 -6.92
N GLY A 79 -27.16 -31.17 -6.30
CA GLY A 79 -27.37 -31.37 -4.89
C GLY A 79 -28.64 -30.69 -4.44
N ILE A 80 -28.96 -30.87 -3.16
CA ILE A 80 -30.09 -30.23 -2.51
C ILE A 80 -29.64 -29.76 -1.14
N MET A 81 -29.93 -28.52 -0.81
CA MET A 81 -29.51 -27.89 0.44
C MET A 81 -30.75 -27.69 1.31
N LYS A 82 -31.08 -28.71 2.08
CA LYS A 82 -32.22 -28.68 2.97
C LYS A 82 -31.97 -27.70 4.10
N PRO A 83 -33.02 -27.30 4.81
CA PRO A 83 -32.83 -26.40 5.95
C PRO A 83 -31.86 -26.97 6.96
N GLY A 84 -31.04 -26.09 7.53
CA GLY A 84 -30.04 -26.48 8.49
C GLY A 84 -28.71 -25.82 8.22
N LEU A 85 -27.65 -26.39 8.78
CA LEU A 85 -26.32 -25.81 8.64
C LEU A 85 -25.55 -26.47 7.51
N ASN A 86 -26.03 -26.31 6.28
CA ASN A 86 -25.35 -26.85 5.12
C ASN A 86 -23.97 -26.21 4.97
N ALA A 87 -23.06 -26.94 4.34
CA ALA A 87 -21.67 -26.51 4.24
C ALA A 87 -21.09 -26.85 2.89
N ILE A 88 -20.02 -26.13 2.55
CA ILE A 88 -19.23 -26.37 1.34
C ILE A 88 -17.78 -26.37 1.75
N LEU A 89 -17.02 -27.33 1.24
CA LEU A 89 -15.67 -27.58 1.71
C LEU A 89 -14.80 -28.03 0.54
N GLY A 90 -13.50 -27.80 0.69
CA GLY A 90 -12.54 -28.22 -0.30
C GLY A 90 -11.30 -27.37 -0.34
N PRO A 91 -10.36 -27.70 -1.21
CA PRO A 91 -9.14 -26.91 -1.33
C PRO A 91 -9.43 -25.52 -1.84
N THR A 92 -8.41 -24.65 -1.69
CA THR A 92 -8.58 -23.25 -2.07
C THR A 92 -8.87 -23.10 -3.55
N GLY A 93 -8.16 -23.86 -4.39
CA GLY A 93 -8.38 -23.75 -5.82
C GLY A 93 -9.74 -24.26 -6.24
N GLY A 94 -10.35 -25.12 -5.42
CA GLY A 94 -11.67 -25.62 -5.75
C GLY A 94 -12.70 -24.52 -5.75
N GLY A 95 -13.68 -24.66 -6.64
CA GLY A 95 -14.69 -23.65 -6.81
C GLY A 95 -15.78 -23.70 -5.75
N LYS A 96 -15.43 -23.32 -4.52
CA LYS A 96 -16.42 -23.26 -3.45
C LYS A 96 -17.06 -21.89 -3.33
N SER A 97 -16.26 -20.83 -3.26
CA SER A 97 -16.82 -19.49 -3.28
C SER A 97 -17.54 -19.23 -4.60
N SER A 98 -17.02 -19.78 -5.69
CA SER A 98 -17.68 -19.62 -6.98
C SER A 98 -19.05 -20.26 -6.97
N LEU A 99 -19.16 -21.49 -6.45
CA LEU A 99 -20.46 -22.13 -6.35
C LEU A 99 -21.38 -21.32 -5.45
N LEU A 100 -20.86 -20.82 -4.34
CA LEU A 100 -21.66 -20.05 -3.42
C LEU A 100 -22.27 -18.83 -4.12
N ASP A 101 -21.43 -18.08 -4.84
CA ASP A 101 -21.93 -16.93 -5.57
C ASP A 101 -22.94 -17.34 -6.62
N VAL A 102 -22.69 -18.45 -7.31
CA VAL A 102 -23.64 -18.94 -8.31
C VAL A 102 -25.01 -19.14 -7.69
N LEU A 103 -25.06 -19.74 -6.50
CA LEU A 103 -26.35 -19.98 -5.88
C LEU A 103 -27.02 -18.69 -5.45
N ALA A 104 -26.23 -17.69 -5.03
CA ALA A 104 -26.78 -16.43 -4.56
C ALA A 104 -27.02 -15.43 -5.67
N ALA A 105 -26.69 -15.77 -6.92
CA ALA A 105 -26.89 -14.92 -8.08
C ALA A 105 -25.93 -13.74 -8.11
N ARG A 106 -24.75 -13.88 -7.52
CA ARG A 106 -23.73 -12.84 -7.54
C ARG A 106 -22.73 -13.04 -8.66
N LYS A 107 -23.05 -13.87 -9.65
CA LYS A 107 -22.16 -14.16 -10.76
C LYS A 107 -22.90 -13.99 -12.07
N ASP A 108 -22.15 -13.66 -13.11
CA ASP A 108 -22.76 -13.36 -14.40
C ASP A 108 -23.54 -14.56 -14.91
N PRO A 109 -24.84 -14.42 -15.21
CA PRO A 109 -25.63 -15.58 -15.64
C PRO A 109 -25.18 -16.19 -16.95
N SER A 110 -24.32 -15.52 -17.72
CA SER A 110 -23.95 -16.03 -19.03
C SER A 110 -23.28 -17.39 -18.91
N GLY A 111 -22.27 -17.50 -18.05
CA GLY A 111 -21.54 -18.75 -17.95
C GLY A 111 -22.38 -19.88 -17.39
N LEU A 112 -23.31 -19.56 -16.49
CA LEU A 112 -24.12 -20.59 -15.85
C LEU A 112 -24.86 -21.41 -16.90
N SER A 113 -24.94 -22.73 -16.65
CA SER A 113 -25.54 -23.65 -17.62
C SER A 113 -26.45 -24.69 -16.97
N GLY A 114 -26.98 -24.41 -15.79
CA GLY A 114 -27.80 -25.37 -15.09
C GLY A 114 -29.04 -24.73 -14.49
N ASP A 115 -29.84 -25.55 -13.82
CA ASP A 115 -31.11 -25.14 -13.24
C ASP A 115 -30.96 -24.99 -11.74
N VAL A 116 -31.06 -23.77 -11.25
CA VAL A 116 -31.18 -23.51 -9.83
C VAL A 116 -32.65 -23.31 -9.51
N LEU A 117 -33.13 -23.99 -8.48
CA LEU A 117 -34.55 -24.03 -8.16
C LEU A 117 -34.70 -24.06 -6.65
N ILE A 118 -35.49 -23.14 -6.11
CA ILE A 118 -35.68 -23.01 -4.67
C ILE A 118 -37.11 -23.39 -4.35
N ASN A 119 -37.28 -24.34 -3.42
CA ASN A 119 -38.59 -24.72 -2.92
C ASN A 119 -39.52 -25.12 -4.06
N GLY A 120 -38.95 -25.60 -5.16
CA GLY A 120 -39.71 -26.10 -6.28
C GLY A 120 -39.98 -25.10 -7.38
N ALA A 121 -39.55 -23.84 -7.22
CA ALA A 121 -39.81 -22.82 -8.21
C ALA A 121 -38.51 -22.14 -8.61
N PRO A 122 -38.44 -21.60 -9.83
CA PRO A 122 -37.21 -20.92 -10.26
C PRO A 122 -36.93 -19.70 -9.40
N ARG A 123 -35.69 -19.26 -9.41
CA ARG A 123 -35.28 -18.17 -8.54
C ARG A 123 -36.05 -16.91 -8.88
N PRO A 124 -36.71 -16.28 -7.92
CA PRO A 124 -37.41 -15.03 -8.22
C PRO A 124 -36.46 -13.90 -8.56
N ALA A 125 -36.97 -12.93 -9.30
CA ALA A 125 -36.14 -11.81 -9.73
C ALA A 125 -35.61 -11.01 -8.55
N ASN A 126 -36.39 -10.95 -7.45
CA ASN A 126 -36.00 -10.20 -6.26
C ASN A 126 -35.27 -11.07 -5.24
N PHE A 127 -34.56 -12.10 -5.69
CA PHE A 127 -33.95 -13.05 -4.78
C PHE A 127 -32.86 -12.40 -3.93
N LYS A 128 -31.94 -11.69 -4.57
CA LYS A 128 -30.82 -11.10 -3.84
C LYS A 128 -31.31 -10.20 -2.72
N CYS A 129 -32.49 -9.60 -2.88
CA CYS A 129 -33.01 -8.70 -1.88
C CYS A 129 -33.59 -9.44 -0.68
N ASN A 130 -34.09 -10.66 -0.89
CA ASN A 130 -34.69 -11.46 0.16
C ASN A 130 -33.76 -12.56 0.66
N SER A 131 -32.48 -12.51 0.30
CA SER A 131 -31.50 -13.49 0.74
C SER A 131 -30.19 -12.78 1.03
N GLY A 132 -29.67 -12.95 2.24
CA GLY A 132 -28.47 -12.28 2.63
C GLY A 132 -27.22 -12.99 2.15
N TYR A 133 -26.15 -12.22 2.03
CA TYR A 133 -24.82 -12.72 1.71
C TYR A 133 -23.82 -11.96 2.55
N VAL A 134 -22.87 -12.68 3.12
CA VAL A 134 -21.87 -12.12 4.01
C VAL A 134 -20.49 -12.30 3.36
N VAL A 135 -19.88 -11.18 3.01
CA VAL A 135 -18.59 -11.25 2.33
C VAL A 135 -17.52 -11.73 3.28
N GLN A 136 -16.40 -12.16 2.69
CA GLN A 136 -15.27 -12.67 3.46
C GLN A 136 -14.67 -11.57 4.33
N ASP A 137 -14.15 -10.52 3.70
CA ASP A 137 -13.57 -9.40 4.43
C ASP A 137 -14.68 -8.40 4.77
N ASP A 138 -14.84 -8.11 6.06
CA ASP A 138 -15.94 -7.27 6.49
C ASP A 138 -15.86 -5.90 5.85
N VAL A 139 -17.00 -5.40 5.40
CA VAL A 139 -17.12 -4.11 4.73
C VAL A 139 -17.78 -3.08 5.62
N VAL A 140 -18.04 -3.41 6.89
CA VAL A 140 -18.66 -2.45 7.78
C VAL A 140 -17.77 -1.22 7.93
N MET A 141 -18.38 -0.12 8.33
CA MET A 141 -17.68 1.16 8.42
C MET A 141 -17.14 1.34 9.83
N GLY A 142 -15.81 1.32 9.96
CA GLY A 142 -15.20 1.41 11.27
C GLY A 142 -15.56 2.70 11.99
N THR A 143 -15.68 3.79 11.23
CA THR A 143 -15.91 5.11 11.81
C THR A 143 -17.31 5.28 12.36
N LEU A 144 -18.17 4.26 12.28
CA LEU A 144 -19.53 4.34 12.78
C LEU A 144 -19.71 3.43 13.99
N THR A 145 -20.80 3.68 14.70
CA THR A 145 -21.20 2.83 15.81
C THR A 145 -22.03 1.66 15.27
N VAL A 146 -21.91 0.52 15.92
CA VAL A 146 -22.57 -0.71 15.49
C VAL A 146 -24.02 -0.42 15.15
N ARG A 147 -24.74 0.18 16.10
CA ARG A 147 -26.15 0.44 15.89
C ARG A 147 -26.37 1.35 14.70
N GLU A 148 -25.41 2.22 14.40
CA GLU A 148 -25.53 3.09 13.24
C GLU A 148 -25.49 2.30 11.95
N ASN A 149 -24.57 1.34 11.85
CA ASN A 149 -24.50 0.51 10.66
C ASN A 149 -25.77 -0.30 10.49
N LEU A 150 -26.24 -0.93 11.57
CA LEU A 150 -27.48 -1.68 11.49
C LEU A 150 -28.64 -0.76 11.13
N GLN A 151 -28.61 0.49 11.60
CA GLN A 151 -29.68 1.43 11.30
C GLN A 151 -29.67 1.80 9.83
N PHE A 152 -28.48 1.99 9.26
CA PHE A 152 -28.38 2.28 7.83
C PHE A 152 -28.96 1.13 7.01
N SER A 153 -28.56 -0.10 7.34
CA SER A 153 -29.07 -1.27 6.64
C SER A 153 -30.58 -1.36 6.77
N ALA A 154 -31.10 -1.13 7.98
CA ALA A 154 -32.54 -1.19 8.20
C ALA A 154 -33.26 -0.13 7.39
N ALA A 155 -32.70 1.07 7.35
CA ALA A 155 -33.39 2.18 6.69
C ALA A 155 -33.49 1.96 5.19
N LEU A 156 -32.42 1.46 4.58
CA LEU A 156 -32.45 1.30 3.12
C LEU A 156 -33.07 0.00 2.66
N ARG A 157 -32.87 -1.11 3.40
CA ARG A 157 -33.41 -2.39 2.97
C ARG A 157 -34.89 -2.52 3.29
N LEU A 158 -35.26 -2.33 4.54
CA LEU A 158 -36.66 -2.41 4.93
C LEU A 158 -37.48 -1.39 4.16
N ALA A 159 -38.78 -1.66 4.05
CA ALA A 159 -39.65 -0.85 3.22
C ALA A 159 -39.82 0.54 3.83
N THR A 160 -40.17 1.49 2.96
CA THR A 160 -40.35 2.87 3.40
C THR A 160 -41.63 3.02 4.21
N THR A 161 -42.63 2.19 3.94
CA THR A 161 -43.93 2.33 4.59
C THR A 161 -43.81 2.17 6.10
N MET A 162 -42.87 1.35 6.56
CA MET A 162 -42.74 1.09 7.98
C MET A 162 -42.33 2.36 8.72
N THR A 163 -42.69 2.41 10.00
CA THR A 163 -42.30 3.52 10.86
C THR A 163 -40.89 3.33 11.37
N ASN A 164 -40.30 4.43 11.85
CA ASN A 164 -38.97 4.35 12.45
C ASN A 164 -38.99 3.53 13.73
N HIS A 165 -40.09 3.57 14.47
CA HIS A 165 -40.18 2.81 15.71
C HIS A 165 -40.05 1.32 15.46
N GLU A 166 -40.76 0.81 14.45
CA GLU A 166 -40.69 -0.61 14.15
C GLU A 166 -39.28 -1.01 13.75
N LYS A 167 -38.62 -0.20 12.93
CA LYS A 167 -37.26 -0.52 12.51
C LYS A 167 -36.30 -0.52 13.69
N ASN A 168 -36.49 0.42 14.63
CA ASN A 168 -35.66 0.42 15.83
C ASN A 168 -35.90 -0.85 16.66
N GLU A 169 -37.16 -1.26 16.78
CA GLU A 169 -37.46 -2.49 17.50
C GLU A 169 -36.79 -3.69 16.85
N ARG A 170 -36.87 -3.78 15.53
CA ARG A 170 -36.24 -4.89 14.81
C ARG A 170 -34.73 -4.90 15.04
N ILE A 171 -34.11 -3.71 15.01
CA ILE A 171 -32.68 -3.62 15.25
C ILE A 171 -32.34 -4.10 16.65
N ASN A 172 -33.17 -3.73 17.62
CA ASN A 172 -32.94 -4.19 18.99
C ASN A 172 -33.05 -5.70 19.08
N ARG A 173 -34.05 -6.28 18.40
CA ARG A 173 -34.19 -7.74 18.40
C ARG A 173 -32.95 -8.41 17.83
N VAL A 174 -32.45 -7.89 16.71
CA VAL A 174 -31.28 -8.50 16.06
C VAL A 174 -30.07 -8.41 16.97
N ILE A 175 -29.85 -7.24 17.56
CA ILE A 175 -28.72 -7.07 18.48
C ILE A 175 -28.84 -8.05 19.64
N GLN A 176 -30.06 -8.25 20.13
CA GLN A 176 -30.28 -9.21 21.21
C GLN A 176 -29.94 -10.61 20.76
N GLU A 177 -30.35 -11.00 19.55
CA GLU A 177 -30.09 -12.34 19.06
C GLU A 177 -28.59 -12.59 18.95
N LEU A 178 -27.85 -11.64 18.39
CA LEU A 178 -26.41 -11.80 18.17
C LEU A 178 -25.59 -11.44 19.40
N GLY A 179 -26.23 -11.00 20.47
CA GLY A 179 -25.49 -10.63 21.68
C GLY A 179 -24.54 -9.47 21.48
N LEU A 180 -24.97 -8.46 20.73
CA LEU A 180 -24.19 -7.25 20.50
C LEU A 180 -24.68 -6.07 21.32
N ASP A 181 -25.67 -6.28 22.19
CA ASP A 181 -26.21 -5.18 22.97
C ASP A 181 -25.14 -4.51 23.81
N LYS A 182 -24.07 -5.23 24.13
CA LYS A 182 -22.98 -4.64 24.90
C LYS A 182 -22.26 -3.56 24.11
N VAL A 183 -22.01 -3.81 22.82
CA VAL A 183 -21.29 -2.87 21.97
C VAL A 183 -22.24 -2.11 21.04
N ALA A 184 -23.53 -2.08 21.35
CA ALA A 184 -24.48 -1.39 20.47
C ALA A 184 -24.17 0.09 20.36
N ASP A 185 -23.39 0.63 21.29
CA ASP A 185 -23.04 2.05 21.30
C ASP A 185 -21.53 2.27 21.29
N SER A 186 -20.79 1.39 20.62
CA SER A 186 -19.33 1.49 20.54
C SER A 186 -18.90 1.56 19.09
N LYS A 187 -17.74 2.17 18.86
CA LYS A 187 -17.19 2.24 17.52
C LYS A 187 -16.86 0.83 17.02
N VAL A 188 -17.08 0.62 15.72
CA VAL A 188 -16.86 -0.70 15.13
C VAL A 188 -15.42 -0.95 14.74
N GLY A 189 -14.54 0.04 14.90
CA GLY A 189 -13.13 -0.17 14.71
C GLY A 189 -12.53 0.50 13.49
N THR A 190 -11.83 1.60 13.72
CA THR A 190 -11.16 2.29 12.62
C THR A 190 -9.95 1.51 12.12
N GLN A 191 -9.48 0.54 12.91
CA GLN A 191 -8.26 -0.22 12.64
C GLN A 191 -7.03 0.63 12.91
N PHE A 192 -7.24 1.92 13.18
CA PHE A 192 -6.26 2.66 13.98
C PHE A 192 -6.49 2.41 15.46
N ILE A 193 -7.75 2.38 15.87
CA ILE A 193 -8.18 1.86 17.16
C ILE A 193 -9.39 0.97 16.91
N ARG A 194 -9.59 0.00 17.80
CA ARG A 194 -10.62 -1.00 17.65
C ARG A 194 -11.61 -0.88 18.80
N GLY A 195 -12.80 -0.34 18.50
CA GLY A 195 -13.84 -0.26 19.52
C GLY A 195 -14.38 -1.62 19.90
N VAL A 196 -14.37 -2.56 18.96
CA VAL A 196 -14.88 -3.90 19.19
C VAL A 196 -13.90 -4.92 18.62
N SER A 197 -14.04 -6.16 19.06
CA SER A 197 -13.17 -7.23 18.61
C SER A 197 -13.63 -7.77 17.26
N GLY A 198 -12.77 -8.57 16.63
CA GLY A 198 -13.07 -9.09 15.31
C GLY A 198 -14.36 -9.87 15.27
N GLY A 199 -14.60 -10.70 16.28
CA GLY A 199 -15.83 -11.49 16.30
C GLY A 199 -17.07 -10.62 16.27
N GLU A 200 -17.01 -9.48 16.94
CA GLU A 200 -18.18 -8.59 16.98
C GLU A 200 -18.37 -7.88 15.66
N ARG A 201 -17.27 -7.55 14.96
CA ARG A 201 -17.40 -7.01 13.61
C ARG A 201 -18.09 -8.03 12.69
N LYS A 202 -17.67 -9.29 12.77
CA LYS A 202 -18.31 -10.31 11.96
C LYS A 202 -19.78 -10.46 12.31
N ARG A 203 -20.09 -10.51 13.61
CA ARG A 203 -21.49 -10.58 14.02
C ARG A 203 -22.27 -9.38 13.51
N THR A 204 -21.61 -8.23 13.40
CA THR A 204 -22.29 -7.05 12.90
C THR A 204 -22.66 -7.20 11.44
N SER A 205 -21.73 -7.72 10.62
CA SER A 205 -22.05 -7.98 9.23
C SER A 205 -23.25 -8.92 9.14
N ILE A 206 -23.23 -10.00 9.92
CA ILE A 206 -24.32 -10.96 9.90
C ILE A 206 -25.62 -10.28 10.31
N GLY A 207 -25.55 -9.35 11.26
CA GLY A 207 -26.75 -8.64 11.66
C GLY A 207 -27.30 -7.75 10.56
N MET A 208 -26.42 -7.05 9.85
CA MET A 208 -26.85 -6.23 8.73
C MET A 208 -27.64 -7.07 7.74
N GLU A 209 -27.17 -8.29 7.48
CA GLU A 209 -27.90 -9.16 6.57
C GLU A 209 -29.18 -9.70 7.20
N LEU A 210 -29.16 -9.93 8.50
CA LEU A 210 -30.31 -10.49 9.21
C LEU A 210 -31.44 -9.51 9.40
N ILE A 211 -31.23 -8.22 9.17
CA ILE A 211 -32.26 -7.24 9.48
C ILE A 211 -33.57 -7.60 8.79
N THR A 212 -33.52 -7.93 7.50
CA THR A 212 -34.73 -8.21 6.75
C THR A 212 -35.30 -9.60 7.03
N ASP A 213 -34.84 -10.27 8.09
CA ASP A 213 -35.34 -11.58 8.47
C ASP A 213 -35.28 -12.52 7.27
N PRO A 214 -34.08 -12.79 6.75
CA PRO A 214 -33.98 -13.62 5.55
C PRO A 214 -34.31 -15.08 5.84
N SER A 215 -34.80 -15.76 4.80
CA SER A 215 -35.02 -17.20 4.86
C SER A 215 -33.78 -17.99 4.48
N ILE A 216 -33.02 -17.49 3.50
CA ILE A 216 -31.82 -18.13 3.02
C ILE A 216 -30.66 -17.19 3.26
N LEU A 217 -29.60 -17.71 3.86
CA LEU A 217 -28.46 -16.91 4.31
C LEU A 217 -27.18 -17.54 3.82
N PHE A 218 -26.46 -16.84 2.95
CA PHE A 218 -25.19 -17.30 2.41
C PHE A 218 -24.05 -16.64 3.16
N LEU A 219 -22.95 -17.38 3.32
CA LEU A 219 -21.78 -16.90 4.02
C LEU A 219 -20.54 -17.39 3.30
N ASP A 220 -19.48 -16.59 3.34
CA ASP A 220 -18.20 -16.94 2.74
C ASP A 220 -17.12 -16.87 3.80
N GLU A 221 -16.43 -17.97 4.03
CA GLU A 221 -15.32 -18.09 4.98
C GLU A 221 -15.66 -17.33 6.27
N PRO A 222 -16.73 -17.71 6.96
CA PRO A 222 -17.10 -16.97 8.18
C PRO A 222 -16.06 -17.05 9.27
N THR A 223 -15.16 -18.04 9.20
CA THR A 223 -14.11 -18.22 10.19
C THR A 223 -12.77 -18.26 9.46
N THR A 224 -12.22 -17.07 9.20
CA THR A 224 -10.91 -16.95 8.59
C THR A 224 -10.26 -15.70 9.14
N GLY A 225 -9.15 -15.86 9.85
CA GLY A 225 -8.54 -14.80 10.61
C GLY A 225 -9.02 -14.69 12.04
N LEU A 226 -10.09 -15.39 12.39
CA LEU A 226 -10.57 -15.43 13.75
C LEU A 226 -9.78 -16.46 14.56
N ASP A 227 -9.77 -16.25 15.88
CA ASP A 227 -9.20 -17.24 16.77
C ASP A 227 -10.14 -18.42 16.91
N SER A 228 -9.60 -19.52 17.44
CA SER A 228 -10.37 -20.75 17.56
C SER A 228 -11.64 -20.52 18.36
N SER A 229 -11.52 -19.86 19.52
CA SER A 229 -12.68 -19.63 20.37
C SER A 229 -13.70 -18.77 19.66
N THR A 230 -13.25 -17.69 19.01
CA THR A 230 -14.17 -16.81 18.31
C THR A 230 -14.88 -17.56 17.19
N ALA A 231 -14.14 -18.38 16.44
CA ALA A 231 -14.76 -19.14 15.36
C ALA A 231 -15.81 -20.10 15.89
N ASN A 232 -15.49 -20.80 16.98
CA ASN A 232 -16.47 -21.72 17.57
C ASN A 232 -17.72 -20.96 18.00
N ALA A 233 -17.55 -19.79 18.61
CA ALA A 233 -18.70 -19.01 19.05
C ALA A 233 -19.56 -18.61 17.86
N VAL A 234 -18.93 -18.17 16.78
CA VAL A 234 -19.68 -17.75 15.60
C VAL A 234 -20.47 -18.91 15.03
N LEU A 235 -19.84 -20.07 14.90
CA LEU A 235 -20.52 -21.21 14.30
C LEU A 235 -21.61 -21.75 15.19
N LEU A 236 -21.42 -21.70 16.51
CA LEU A 236 -22.49 -22.06 17.42
C LEU A 236 -23.66 -21.11 17.29
N LEU A 237 -23.38 -19.82 17.08
CA LEU A 237 -24.45 -18.86 16.82
C LEU A 237 -25.22 -19.24 15.56
N LEU A 238 -24.49 -19.62 14.51
CA LEU A 238 -25.15 -20.02 13.27
C LEU A 238 -26.00 -21.26 13.49
N LYS A 239 -25.52 -22.18 14.32
CA LYS A 239 -26.33 -23.37 14.63
C LYS A 239 -27.61 -22.98 15.34
N ARG A 240 -27.52 -22.03 16.28
CA ARG A 240 -28.74 -21.56 16.94
C ARG A 240 -29.70 -20.95 15.94
N MET A 241 -29.19 -20.15 15.00
CA MET A 241 -30.04 -19.54 13.99
C MET A 241 -30.70 -20.60 13.12
N SER A 242 -29.95 -21.64 12.76
CA SER A 242 -30.49 -22.70 11.91
C SER A 242 -31.54 -23.53 12.63
N LYS A 243 -31.41 -23.70 13.94
CA LYS A 243 -32.42 -24.44 14.68
C LYS A 243 -33.79 -23.80 14.55
N GLN A 244 -33.86 -22.51 14.23
CA GLN A 244 -35.12 -21.81 14.07
C GLN A 244 -35.78 -22.06 12.72
N GLY A 245 -35.11 -22.77 11.81
CA GLY A 245 -35.66 -23.06 10.49
C GLY A 245 -35.05 -22.26 9.36
N ARG A 246 -33.91 -21.61 9.59
CA ARG A 246 -33.28 -20.77 8.58
C ARG A 246 -32.17 -21.52 7.89
N THR A 247 -32.27 -21.68 6.57
CA THR A 247 -31.27 -22.41 5.81
C THR A 247 -29.99 -21.57 5.73
N ILE A 248 -28.90 -22.12 6.25
CA ILE A 248 -27.59 -21.48 6.23
C ILE A 248 -26.69 -22.24 5.28
N ILE A 249 -25.96 -21.49 4.46
CA ILE A 249 -25.06 -22.05 3.45
C ILE A 249 -23.75 -21.29 3.54
N PHE A 250 -22.64 -22.02 3.65
CA PHE A 250 -21.37 -21.36 3.88
C PHE A 250 -20.22 -22.22 3.41
N SER A 251 -19.06 -21.57 3.32
CA SER A 251 -17.81 -22.21 2.95
C SER A 251 -16.78 -21.95 4.04
N ILE A 252 -15.89 -22.91 4.25
CA ILE A 252 -14.91 -22.85 5.34
C ILE A 252 -13.56 -23.35 4.83
N HIS A 253 -12.54 -23.12 5.65
CA HIS A 253 -11.19 -23.56 5.39
C HIS A 253 -10.70 -24.38 6.57
N GLN A 254 -10.39 -25.66 6.33
CA GLN A 254 -9.85 -26.57 7.32
C GLN A 254 -10.51 -26.37 8.68
N PRO A 255 -11.78 -26.75 8.82
CA PRO A 255 -12.45 -26.62 10.12
C PRO A 255 -11.92 -27.60 11.15
N ARG A 256 -12.14 -27.26 12.41
CA ARG A 256 -11.87 -28.17 13.50
C ARG A 256 -13.02 -29.15 13.67
N TYR A 257 -12.72 -30.29 14.31
CA TYR A 257 -13.74 -31.34 14.43
C TYR A 257 -14.88 -30.91 15.33
N SER A 258 -14.62 -30.02 16.30
CA SER A 258 -15.71 -29.50 17.10
C SER A 258 -16.71 -28.76 16.21
N ILE A 259 -16.19 -28.01 15.24
CA ILE A 259 -17.04 -27.36 14.25
C ILE A 259 -17.68 -28.41 13.33
N PHE A 260 -16.86 -29.31 12.78
CA PHE A 260 -17.38 -30.28 11.82
C PHE A 260 -18.47 -31.16 12.43
N LYS A 261 -18.49 -31.27 13.76
CA LYS A 261 -19.49 -32.09 14.42
C LYS A 261 -20.88 -31.49 14.32
N LEU A 262 -20.99 -30.25 13.86
CA LEU A 262 -22.25 -29.50 13.90
C LEU A 262 -22.98 -29.47 12.56
N PHE A 263 -22.35 -29.91 11.48
CA PHE A 263 -22.95 -29.75 10.17
C PHE A 263 -24.15 -30.68 9.99
N ASP A 264 -24.92 -30.39 8.95
CA ASP A 264 -26.06 -31.20 8.54
C ASP A 264 -25.95 -31.72 7.12
N SER A 265 -25.17 -31.03 6.27
CA SER A 265 -24.90 -31.47 4.92
C SER A 265 -23.49 -31.03 4.54
N LEU A 266 -22.87 -31.77 3.64
CA LEU A 266 -21.51 -31.52 3.21
C LEU A 266 -21.43 -31.53 1.69
N THR A 267 -20.59 -30.67 1.14
CA THR A 267 -20.37 -30.56 -0.29
C THR A 267 -18.87 -30.37 -0.50
N LEU A 268 -18.21 -31.42 -0.98
CA LEU A 268 -16.77 -31.40 -1.12
C LEU A 268 -16.40 -31.17 -2.58
N LEU A 269 -15.65 -30.11 -2.85
CA LEU A 269 -15.31 -29.71 -4.20
C LEU A 269 -13.80 -29.63 -4.36
N ALA A 270 -13.29 -30.20 -5.45
CA ALA A 270 -11.89 -30.10 -5.81
C ALA A 270 -11.78 -29.97 -7.32
N SER A 271 -10.94 -29.04 -7.76
CA SER A 271 -10.75 -28.76 -9.18
C SER A 271 -12.09 -28.73 -9.93
N GLY A 272 -13.08 -28.13 -9.29
CA GLY A 272 -14.39 -27.98 -9.92
C GLY A 272 -15.15 -29.26 -10.14
N ARG A 273 -15.04 -30.20 -9.21
CA ARG A 273 -15.77 -31.45 -9.32
C ARG A 273 -16.35 -31.82 -7.96
N LEU A 274 -17.42 -32.61 -7.99
CA LEU A 274 -18.17 -32.97 -6.79
C LEU A 274 -17.66 -34.31 -6.27
N MET A 275 -16.75 -34.25 -5.29
CA MET A 275 -16.28 -35.48 -4.67
C MET A 275 -17.36 -36.12 -3.81
N PHE A 276 -18.10 -35.31 -3.06
CA PHE A 276 -19.11 -35.83 -2.17
C PHE A 276 -20.22 -34.80 -1.98
N HIS A 277 -21.45 -35.30 -1.81
CA HIS A 277 -22.56 -34.47 -1.36
C HIS A 277 -23.52 -35.38 -0.58
N GLY A 278 -23.68 -35.09 0.70
CA GLY A 278 -24.58 -35.82 1.54
C GLY A 278 -24.42 -35.42 2.99
N PRO A 279 -25.08 -36.14 3.88
CA PRO A 279 -24.91 -35.88 5.31
C PRO A 279 -23.47 -35.93 5.74
N ALA A 280 -23.04 -34.97 6.56
CA ALA A 280 -21.65 -34.90 6.96
C ALA A 280 -21.25 -36.11 7.80
N GLN A 281 -22.15 -36.54 8.69
CA GLN A 281 -21.81 -37.64 9.58
C GLN A 281 -21.46 -38.91 8.80
N GLU A 282 -22.03 -39.07 7.61
CA GLU A 282 -21.86 -40.27 6.81
C GLU A 282 -20.72 -40.16 5.79
N ALA A 283 -20.10 -38.99 5.67
CA ALA A 283 -19.01 -38.83 4.71
C ALA A 283 -17.84 -39.75 5.07
N LEU A 284 -17.54 -39.85 6.37
CA LEU A 284 -16.46 -40.73 6.81
C LEU A 284 -16.75 -42.17 6.44
N GLY A 285 -17.99 -42.62 6.64
CA GLY A 285 -18.36 -43.96 6.23
C GLY A 285 -18.20 -44.17 4.73
N TYR A 286 -18.60 -43.18 3.94
CA TYR A 286 -18.47 -43.29 2.50
C TYR A 286 -17.01 -43.48 2.10
N PHE A 287 -16.13 -42.62 2.61
CA PHE A 287 -14.72 -42.73 2.24
C PHE A 287 -14.09 -44.02 2.76
N GLU A 288 -14.43 -44.43 3.98
CA GLU A 288 -13.92 -45.69 4.49
C GLU A 288 -14.36 -46.84 3.60
N SER A 289 -15.60 -46.79 3.11
CA SER A 289 -16.04 -47.79 2.14
C SER A 289 -15.20 -47.72 0.88
N ALA A 290 -14.79 -46.52 0.48
CA ALA A 290 -13.91 -46.38 -0.68
C ALA A 290 -12.56 -47.03 -0.45
N GLY A 291 -12.18 -47.26 0.81
CA GLY A 291 -10.91 -47.87 1.15
C GLY A 291 -10.02 -46.99 2.01
N TYR A 292 -10.07 -45.68 1.82
CA TYR A 292 -9.23 -44.77 2.60
C TYR A 292 -9.71 -44.76 4.05
N HIS A 293 -8.79 -44.95 4.99
CA HIS A 293 -9.11 -45.03 6.40
C HIS A 293 -8.44 -43.89 7.14
N CYS A 294 -9.08 -43.45 8.22
CA CYS A 294 -8.63 -42.30 9.00
C CYS A 294 -8.14 -42.78 10.36
N GLU A 295 -6.87 -42.50 10.66
CA GLU A 295 -6.34 -42.77 11.98
C GLU A 295 -6.97 -41.83 13.01
N ALA A 296 -7.15 -42.34 14.22
CA ALA A 296 -7.66 -41.49 15.28
C ALA A 296 -6.72 -40.32 15.50
N TYR A 297 -7.20 -39.33 16.26
CA TYR A 297 -6.48 -38.09 16.55
C TYR A 297 -6.24 -37.26 15.30
N ASN A 298 -6.88 -37.60 14.19
CA ASN A 298 -6.79 -36.82 12.95
C ASN A 298 -8.15 -36.24 12.62
N ASN A 299 -8.18 -34.96 12.31
CA ASN A 299 -9.45 -34.30 12.01
C ASN A 299 -10.00 -34.85 10.70
N PRO A 300 -11.25 -35.32 10.67
CA PRO A 300 -11.77 -35.87 9.41
C PRO A 300 -11.74 -34.90 8.26
N ALA A 301 -11.91 -33.61 8.52
CA ALA A 301 -11.83 -32.63 7.44
C ALA A 301 -10.46 -32.66 6.78
N ASP A 302 -9.40 -32.65 7.59
CA ASP A 302 -8.06 -32.77 7.05
C ASP A 302 -7.89 -34.12 6.34
N PHE A 303 -8.56 -35.15 6.83
CA PHE A 303 -8.48 -36.46 6.18
C PHE A 303 -9.06 -36.41 4.78
N PHE A 304 -10.21 -35.74 4.62
CA PHE A 304 -10.79 -35.57 3.29
C PHE A 304 -9.85 -34.77 2.39
N LEU A 305 -9.28 -33.70 2.91
CA LEU A 305 -8.38 -32.88 2.11
C LEU A 305 -7.15 -33.68 1.69
N ASP A 306 -6.63 -34.51 2.59
CA ASP A 306 -5.51 -35.38 2.22
C ASP A 306 -5.90 -36.31 1.10
N ILE A 307 -7.06 -36.95 1.22
CA ILE A 307 -7.50 -37.87 0.18
C ILE A 307 -7.55 -37.17 -1.16
N ILE A 308 -8.05 -35.93 -1.17
CA ILE A 308 -8.09 -35.17 -2.41
C ILE A 308 -6.69 -34.88 -2.92
N ASN A 309 -5.79 -34.46 -2.03
CA ASN A 309 -4.45 -34.08 -2.44
C ASN A 309 -3.62 -35.27 -2.89
N GLY A 310 -4.10 -36.49 -2.67
CA GLY A 310 -3.35 -37.68 -2.99
C GLY A 310 -2.43 -38.16 -1.89
N ASP A 311 -2.34 -37.44 -0.77
CA ASP A 311 -1.50 -37.85 0.34
C ASP A 311 -2.12 -39.03 1.08
N PRO A 337 -6.06 -38.68 -13.37
CA PRO A 337 -5.58 -38.22 -12.06
C PRO A 337 -6.46 -38.72 -10.92
N LEU A 338 -6.02 -38.46 -9.68
CA LEU A 338 -6.72 -38.98 -8.51
C LEU A 338 -8.11 -38.37 -8.38
N ILE A 339 -8.24 -37.08 -8.63
CA ILE A 339 -9.48 -36.37 -8.36
C ILE A 339 -10.62 -36.94 -9.21
N GLU A 340 -10.37 -37.15 -10.49
CA GLU A 340 -11.40 -37.71 -11.37
C GLU A 340 -11.83 -39.08 -10.88
N LYS A 341 -10.90 -39.84 -10.31
CA LYS A 341 -11.25 -41.15 -9.75
C LYS A 341 -12.27 -41.01 -8.64
N LEU A 342 -12.05 -40.06 -7.73
CA LEU A 342 -13.01 -39.82 -6.65
C LEU A 342 -14.37 -39.40 -7.21
N ALA A 343 -14.38 -38.55 -8.23
CA ALA A 343 -15.65 -38.16 -8.83
C ALA A 343 -16.40 -39.36 -9.38
N GLU A 344 -15.68 -40.26 -10.06
CA GLU A 344 -16.29 -41.47 -10.56
C GLU A 344 -16.90 -42.28 -9.43
N ILE A 345 -16.15 -42.45 -8.34
CA ILE A 345 -16.67 -43.18 -7.19
C ILE A 345 -17.97 -42.57 -6.72
N TYR A 346 -18.00 -41.24 -6.57
CA TYR A 346 -19.21 -40.60 -6.07
C TYR A 346 -20.39 -40.84 -6.99
N VAL A 347 -20.17 -40.72 -8.31
CA VAL A 347 -21.27 -40.95 -9.24
C VAL A 347 -21.81 -42.36 -9.08
N ASN A 348 -20.92 -43.32 -8.76
CA ASN A 348 -21.39 -44.68 -8.55
C ASN A 348 -22.06 -44.83 -7.19
N SER A 349 -21.93 -43.83 -6.32
CA SER A 349 -22.40 -43.95 -4.94
C SER A 349 -23.92 -44.00 -4.85
N SER A 350 -24.43 -44.46 -3.70
CA SER A 350 -25.86 -44.43 -3.45
C SER A 350 -26.36 -43.02 -3.18
N PHE A 351 -25.57 -42.20 -2.49
CA PHE A 351 -25.99 -40.84 -2.19
C PHE A 351 -26.33 -40.07 -3.45
N TYR A 352 -25.50 -40.23 -4.50
CA TYR A 352 -25.75 -39.54 -5.75
C TYR A 352 -27.07 -39.98 -6.37
N LYS A 353 -27.34 -41.29 -6.34
CA LYS A 353 -28.59 -41.77 -6.92
C LYS A 353 -29.79 -41.22 -6.16
N GLU A 354 -29.72 -41.23 -4.84
CA GLU A 354 -30.84 -40.71 -4.04
C GLU A 354 -31.05 -39.23 -4.33
N THR A 355 -29.97 -38.45 -4.36
CA THR A 355 -30.08 -37.03 -4.62
C THR A 355 -30.63 -36.76 -6.01
N LYS A 356 -30.20 -37.54 -7.00
CA LYS A 356 -30.69 -37.36 -8.36
C LYS A 356 -32.18 -37.66 -8.44
N ALA A 357 -32.63 -38.71 -7.77
CA ALA A 357 -34.06 -39.02 -7.75
C ALA A 357 -34.84 -37.89 -7.11
N GLU A 358 -34.34 -37.36 -6.00
CA GLU A 358 -35.02 -36.25 -5.34
C GLU A 358 -35.09 -35.03 -6.25
N LEU A 359 -33.99 -34.75 -6.97
CA LEU A 359 -33.97 -33.60 -7.86
C LEU A 359 -34.98 -33.76 -8.99
N HIS A 360 -35.04 -34.95 -9.59
CA HIS A 360 -36.01 -35.16 -10.66
C HIS A 360 -37.43 -35.04 -10.13
N GLN A 361 -37.65 -35.49 -8.89
CA GLN A 361 -38.97 -35.34 -8.28
C GLN A 361 -39.33 -33.87 -8.11
N LEU A 362 -38.39 -33.06 -7.62
CA LEU A 362 -38.64 -31.64 -7.48
C LEU A 362 -38.90 -30.99 -8.83
N SER A 363 -38.10 -31.33 -9.84
CA SER A 363 -38.28 -30.74 -11.16
C SER A 363 -39.61 -31.14 -11.77
N GLY A 364 -40.11 -32.33 -11.42
CA GLY A 364 -41.36 -32.86 -11.94
C GLY A 364 -42.41 -31.82 -12.29
N TYR A 379 -36.74 -0.46 -6.99
CA TYR A 379 -36.22 -0.36 -5.63
C TYR A 379 -37.32 0.02 -4.64
N THR A 380 -37.17 -0.41 -3.40
CA THR A 380 -38.17 -0.12 -2.38
C THR A 380 -38.28 1.38 -2.13
N THR A 381 -37.15 2.04 -1.92
CA THR A 381 -37.12 3.41 -1.42
C THR A 381 -37.03 4.40 -2.57
N SER A 382 -37.37 5.65 -2.24
CA SER A 382 -37.28 6.73 -3.20
C SER A 382 -35.85 7.25 -3.28
N PHE A 383 -35.57 8.02 -4.34
CA PHE A 383 -34.22 8.51 -4.58
C PHE A 383 -33.75 9.42 -3.45
N CYS A 384 -34.62 10.33 -3.01
CA CYS A 384 -34.23 11.28 -1.98
C CYS A 384 -33.82 10.57 -0.70
N HIS A 385 -34.54 9.50 -0.34
CA HIS A 385 -34.24 8.78 0.88
C HIS A 385 -32.86 8.13 0.81
N GLN A 386 -32.55 7.48 -0.31
CA GLN A 386 -31.23 6.88 -0.48
C GLN A 386 -30.15 7.95 -0.40
N LEU A 387 -30.37 9.08 -1.05
CA LEU A 387 -29.38 10.16 -1.05
C LEU A 387 -29.14 10.67 0.36
N ARG A 388 -30.22 10.88 1.10
CA ARG A 388 -30.11 11.38 2.46
C ARG A 388 -29.27 10.44 3.32
N TRP A 389 -29.57 9.14 3.26
CA TRP A 389 -28.92 8.21 4.17
C TRP A 389 -27.46 7.99 3.80
N VAL A 390 -27.15 7.83 2.51
CA VAL A 390 -25.76 7.63 2.12
C VAL A 390 -24.94 8.88 2.41
N SER A 391 -25.53 10.06 2.21
CA SER A 391 -24.80 11.28 2.55
C SER A 391 -24.53 11.37 4.04
N LYS A 392 -25.51 10.99 4.87
CA LYS A 392 -25.29 11.01 6.31
C LYS A 392 -24.15 10.09 6.70
N ARG A 393 -24.14 8.88 6.15
CA ARG A 393 -23.07 7.94 6.48
C ARG A 393 -21.71 8.48 6.04
N SER A 394 -21.67 9.08 4.84
CA SER A 394 -20.40 9.60 4.35
C SER A 394 -19.89 10.73 5.24
N PHE A 395 -20.79 11.60 5.70
CA PHE A 395 -20.36 12.71 6.54
C PHE A 395 -19.88 12.21 7.90
N LYS A 396 -20.55 11.20 8.46
CA LYS A 396 -20.08 10.63 9.71
C LYS A 396 -18.68 10.05 9.56
N ASN A 397 -18.44 9.36 8.45
CA ASN A 397 -17.09 8.86 8.20
C ASN A 397 -16.10 10.02 8.04
N LEU A 398 -16.51 11.07 7.35
CA LEU A 398 -15.61 12.21 7.13
C LEU A 398 -15.18 12.82 8.46
N LEU A 399 -16.13 13.01 9.37
CA LEU A 399 -15.80 13.55 10.68
C LEU A 399 -14.97 12.56 11.50
N GLY A 400 -15.35 11.28 11.47
CA GLY A 400 -14.69 10.30 12.32
C GLY A 400 -13.21 10.13 11.98
N ASN A 401 -12.86 10.32 10.71
CA ASN A 401 -11.47 10.21 10.27
C ASN A 401 -10.91 11.63 10.11
N PRO A 402 -10.17 12.15 11.10
CA PRO A 402 -9.76 13.56 11.02
C PRO A 402 -8.46 13.79 10.26
N GLN A 403 -7.68 12.73 10.01
CA GLN A 403 -6.37 12.88 9.39
C GLN A 403 -6.43 13.75 8.14
N ALA A 404 -7.19 13.30 7.14
CA ALA A 404 -7.17 13.97 5.85
C ALA A 404 -7.70 15.40 5.96
N SER A 405 -8.87 15.56 6.58
CA SER A 405 -9.50 16.88 6.65
C SER A 405 -8.64 17.85 7.44
N ILE A 406 -8.25 17.48 8.66
CA ILE A 406 -7.53 18.39 9.53
C ILE A 406 -6.19 18.75 8.92
N ALA A 407 -5.48 17.76 8.36
CA ALA A 407 -4.21 18.06 7.72
C ALA A 407 -4.40 19.03 6.57
N GLN A 408 -5.47 18.85 5.80
CA GLN A 408 -5.74 19.78 4.71
C GLN A 408 -5.90 21.20 5.22
N ILE A 409 -6.76 21.39 6.23
CA ILE A 409 -7.01 22.74 6.73
C ILE A 409 -5.74 23.35 7.30
N ILE A 410 -4.98 22.57 8.08
CA ILE A 410 -3.79 23.09 8.72
C ILE A 410 -2.75 23.50 7.69
N VAL A 411 -2.51 22.65 6.68
CA VAL A 411 -1.55 22.97 5.65
C VAL A 411 -1.98 24.22 4.90
N THR A 412 -3.28 24.33 4.60
CA THR A 412 -3.78 25.49 3.88
C THR A 412 -3.52 26.77 4.68
N VAL A 413 -3.82 26.74 5.97
CA VAL A 413 -3.63 27.94 6.79
C VAL A 413 -2.17 28.32 6.85
N VAL A 414 -1.30 27.34 7.07
CA VAL A 414 0.13 27.63 7.18
C VAL A 414 0.65 28.23 5.88
N LEU A 415 0.25 27.66 4.74
CA LEU A 415 0.68 28.21 3.46
C LEU A 415 0.16 29.63 3.28
N GLY A 416 -1.09 29.88 3.68
CA GLY A 416 -1.64 31.22 3.56
C GLY A 416 -0.83 32.23 4.34
N LEU A 417 -0.49 31.90 5.58
CA LEU A 417 0.26 32.84 6.41
C LEU A 417 1.66 33.05 5.88
N VAL A 418 2.33 31.98 5.44
CA VAL A 418 3.67 32.12 4.91
C VAL A 418 3.67 32.98 3.66
N ILE A 419 2.73 32.74 2.76
CA ILE A 419 2.64 33.53 1.53
C ILE A 419 2.31 34.98 1.86
N GLY A 420 1.48 35.21 2.86
CA GLY A 420 1.19 36.58 3.26
C GLY A 420 2.42 37.28 3.79
N ALA A 421 3.25 36.57 4.54
CA ALA A 421 4.46 37.17 5.08
C ALA A 421 5.46 37.47 3.99
N ILE A 422 5.66 36.52 3.07
CA ILE A 422 6.66 36.67 2.04
C ILE A 422 6.29 37.78 1.07
N TYR A 423 5.05 37.76 0.56
CA TYR A 423 4.59 38.74 -0.41
C TYR A 423 3.96 39.95 0.24
N PHE A 424 4.24 40.18 1.52
CA PHE A 424 3.55 41.25 2.24
C PHE A 424 3.83 42.60 1.60
N GLY A 425 2.76 43.39 1.46
CA GLY A 425 2.89 44.74 0.96
C GLY A 425 3.41 44.82 -0.46
N LEU A 426 2.63 44.32 -1.41
CA LEU A 426 3.02 44.43 -2.81
C LEU A 426 3.06 45.89 -3.22
N LYS A 427 4.07 46.23 -4.01
CA LYS A 427 4.34 47.61 -4.39
C LYS A 427 4.14 47.79 -5.89
N ASN A 428 3.67 48.97 -6.28
CA ASN A 428 3.46 49.31 -7.68
C ASN A 428 4.78 49.87 -8.23
N ASP A 429 5.76 48.99 -8.31
CA ASP A 429 7.07 49.33 -8.85
C ASP A 429 7.51 48.21 -9.78
N SER A 430 8.79 48.23 -10.15
CA SER A 430 9.30 47.30 -11.16
C SER A 430 9.02 45.85 -10.78
N THR A 431 9.03 45.54 -9.49
CA THR A 431 8.88 44.16 -9.03
C THR A 431 7.45 43.78 -8.70
N GLY A 432 6.48 44.67 -8.92
CA GLY A 432 5.11 44.34 -8.62
C GLY A 432 4.55 43.25 -9.52
N ILE A 433 4.85 43.36 -10.82
CA ILE A 433 4.31 42.41 -11.79
C ILE A 433 4.77 41.00 -11.45
N GLN A 434 6.07 40.86 -11.21
CA GLN A 434 6.65 39.55 -10.93
C GLN A 434 5.98 38.90 -9.74
N ASN A 435 5.91 39.61 -8.62
CA ASN A 435 5.36 39.05 -7.40
C ASN A 435 3.88 38.72 -7.55
N ARG A 436 3.11 39.62 -8.15
CA ARG A 436 1.69 39.37 -8.31
C ARG A 436 1.43 38.12 -9.14
N ALA A 437 2.06 38.04 -10.31
CA ALA A 437 1.87 36.86 -11.14
C ALA A 437 2.33 35.61 -10.42
N GLY A 438 3.42 35.70 -9.67
CA GLY A 438 3.93 34.53 -8.98
C GLY A 438 2.95 34.00 -7.96
N VAL A 439 2.40 34.89 -7.13
CA VAL A 439 1.50 34.43 -6.07
C VAL A 439 0.24 33.84 -6.68
N LEU A 440 -0.31 34.48 -7.70
CA LEU A 440 -1.53 33.96 -8.32
C LEU A 440 -1.28 32.58 -8.92
N PHE A 441 -0.13 32.42 -9.60
CA PHE A 441 0.23 31.12 -10.15
C PHE A 441 0.36 30.08 -9.06
N PHE A 442 0.97 30.45 -7.95
CA PHE A 442 1.16 29.50 -6.86
C PHE A 442 -0.17 29.04 -6.29
N LEU A 443 -1.08 29.98 -6.03
CA LEU A 443 -2.39 29.61 -5.49
C LEU A 443 -3.10 28.66 -6.43
N THR A 444 -3.11 28.99 -7.72
CA THR A 444 -3.80 28.15 -8.70
C THR A 444 -3.22 26.74 -8.72
N THR A 445 -1.89 26.63 -8.78
CA THR A 445 -1.28 25.30 -8.84
C THR A 445 -1.50 24.53 -7.55
N ASN A 446 -1.53 25.23 -6.41
CA ASN A 446 -1.77 24.54 -5.16
C ASN A 446 -3.18 23.95 -5.13
N GLN A 447 -4.16 24.68 -5.66
CA GLN A 447 -5.50 24.12 -5.75
C GLN A 447 -5.53 22.91 -6.68
N CYS A 448 -4.84 22.98 -7.80
CA CYS A 448 -4.88 21.87 -8.75
C CYS A 448 -4.17 20.64 -8.21
N PHE A 449 -2.95 20.81 -7.68
CA PHE A 449 -2.14 19.69 -7.24
C PHE A 449 -2.56 19.12 -5.90
N SER A 450 -3.36 19.85 -5.13
CA SER A 450 -3.87 19.33 -3.87
C SER A 450 -5.12 18.49 -4.05
N SER A 451 -5.58 18.32 -5.28
CA SER A 451 -6.78 17.56 -5.58
C SER A 451 -6.49 16.17 -6.12
N VAL A 452 -5.22 15.79 -6.19
CA VAL A 452 -4.87 14.40 -6.52
C VAL A 452 -5.17 13.45 -5.37
N SER A 453 -5.67 13.97 -4.24
CA SER A 453 -6.12 13.14 -3.14
C SER A 453 -7.59 12.78 -3.24
N ALA A 454 -8.25 13.17 -4.33
CA ALA A 454 -9.63 12.79 -4.59
C ALA A 454 -9.75 11.44 -5.26
N VAL A 455 -8.65 10.88 -5.75
CA VAL A 455 -8.70 9.54 -6.34
C VAL A 455 -9.19 8.53 -5.32
N GLU A 456 -8.88 8.75 -4.05
CA GLU A 456 -9.23 7.83 -2.99
C GLU A 456 -10.71 7.84 -2.65
N LEU A 457 -11.49 8.76 -3.22
CA LEU A 457 -12.89 8.87 -2.84
C LEU A 457 -13.66 7.61 -3.20
N PHE A 458 -13.53 7.14 -4.43
CA PHE A 458 -14.22 5.94 -4.89
C PHE A 458 -13.32 4.72 -4.94
N VAL A 459 -11.99 4.90 -5.01
CA VAL A 459 -11.08 3.77 -5.04
C VAL A 459 -11.20 2.96 -3.76
N VAL A 460 -11.27 3.65 -2.62
CA VAL A 460 -11.21 2.96 -1.34
C VAL A 460 -12.44 2.12 -1.10
N GLU A 461 -13.61 2.59 -1.54
CA GLU A 461 -14.89 1.97 -1.22
C GLU A 461 -15.50 1.27 -2.42
N LYS A 462 -14.66 0.63 -3.22
CA LYS A 462 -15.16 -0.09 -4.39
C LYS A 462 -15.91 -1.35 -3.96
N LYS A 463 -15.34 -2.13 -3.07
CA LYS A 463 -15.95 -3.39 -2.67
C LYS A 463 -17.30 -3.15 -2.00
N LEU A 464 -17.35 -2.17 -1.10
CA LEU A 464 -18.59 -1.87 -0.40
C LEU A 464 -19.66 -1.39 -1.37
N PHE A 465 -19.30 -0.53 -2.32
CA PHE A 465 -20.27 -0.05 -3.29
C PHE A 465 -20.83 -1.20 -4.11
N ILE A 466 -19.95 -2.09 -4.58
CA ILE A 466 -20.42 -3.22 -5.37
C ILE A 466 -21.36 -4.10 -4.56
N HIS A 467 -20.97 -4.40 -3.32
CA HIS A 467 -21.78 -5.29 -2.50
C HIS A 467 -23.17 -4.72 -2.27
N GLU A 468 -23.24 -3.43 -1.91
CA GLU A 468 -24.53 -2.85 -1.57
C GLU A 468 -25.38 -2.60 -2.81
N TYR A 469 -24.75 -2.39 -3.97
CA TYR A 469 -25.54 -2.24 -5.18
C TYR A 469 -26.16 -3.57 -5.57
N ILE A 470 -25.38 -4.65 -5.53
CA ILE A 470 -25.94 -5.96 -5.86
C ILE A 470 -27.05 -6.31 -4.86
N SER A 471 -26.82 -6.04 -3.58
CA SER A 471 -27.79 -6.40 -2.56
C SER A 471 -29.05 -5.55 -2.62
N GLY A 472 -29.06 -4.49 -3.43
CA GLY A 472 -30.24 -3.70 -3.63
C GLY A 472 -30.42 -2.51 -2.71
N TYR A 473 -29.36 -2.10 -1.99
CA TYR A 473 -29.50 -0.98 -1.08
C TYR A 473 -29.92 0.29 -1.80
N TYR A 474 -29.17 0.66 -2.84
CA TYR A 474 -29.34 1.96 -3.47
C TYR A 474 -28.96 1.88 -4.93
N ARG A 475 -29.37 2.89 -5.67
CA ARG A 475 -28.93 3.06 -7.05
C ARG A 475 -27.52 3.62 -7.07
N VAL A 476 -26.93 3.66 -8.26
CA VAL A 476 -25.61 4.25 -8.42
C VAL A 476 -25.69 5.76 -8.51
N SER A 477 -26.80 6.30 -9.03
CA SER A 477 -26.96 7.75 -9.06
C SER A 477 -26.94 8.35 -7.67
N SER A 478 -27.70 7.75 -6.75
CA SER A 478 -27.76 8.27 -5.39
C SER A 478 -26.41 8.17 -4.70
N TYR A 479 -25.70 7.04 -4.89
CA TYR A 479 -24.37 6.92 -4.32
C TYR A 479 -23.47 8.03 -4.84
N PHE A 480 -23.47 8.24 -6.15
CA PHE A 480 -22.61 9.26 -6.74
C PHE A 480 -22.89 10.63 -6.17
N LEU A 481 -24.15 11.05 -6.24
CA LEU A 481 -24.48 12.41 -5.81
C LEU A 481 -24.28 12.60 -4.32
N GLY A 482 -24.68 11.62 -3.50
CA GLY A 482 -24.47 11.74 -2.07
C GLY A 482 -23.01 11.80 -1.70
N LYS A 483 -22.19 10.95 -2.30
CA LYS A 483 -20.78 10.95 -2.00
C LYS A 483 -20.13 12.27 -2.38
N LEU A 484 -20.45 12.79 -3.57
CA LEU A 484 -19.95 14.11 -3.95
C LEU A 484 -20.39 15.17 -2.97
N LEU A 485 -21.70 15.21 -2.70
CA LEU A 485 -22.29 16.27 -1.91
C LEU A 485 -21.77 16.26 -0.48
N SER A 486 -21.23 15.12 -0.03
CA SER A 486 -20.78 15.03 1.34
C SER A 486 -19.27 15.23 1.46
N ASP A 487 -18.49 14.67 0.54
CA ASP A 487 -17.03 14.71 0.64
C ASP A 487 -16.39 15.77 -0.24
N LEU A 488 -16.73 15.78 -1.53
CA LEU A 488 -16.01 16.63 -2.48
C LEU A 488 -16.34 18.09 -2.30
N LEU A 489 -17.61 18.41 -2.05
CA LEU A 489 -18.05 19.80 -2.04
C LEU A 489 -17.38 20.60 -0.93
N PRO A 490 -17.55 20.27 0.35
CA PRO A 490 -17.09 21.16 1.42
C PRO A 490 -15.58 21.26 1.56
N MET A 491 -14.90 20.12 1.52
CA MET A 491 -13.46 20.08 1.73
C MET A 491 -12.67 20.64 0.56
N ARG A 492 -13.30 20.82 -0.60
CA ARG A 492 -12.68 21.53 -1.70
C ARG A 492 -13.08 22.99 -1.74
N MET A 493 -14.21 23.34 -1.12
CA MET A 493 -14.61 24.74 -1.07
C MET A 493 -13.87 25.50 0.02
N LEU A 494 -13.54 24.83 1.12
CA LEU A 494 -12.93 25.53 2.25
C LEU A 494 -11.56 26.14 1.92
N PRO A 495 -10.61 25.41 1.35
CA PRO A 495 -9.27 25.98 1.17
C PRO A 495 -9.27 27.30 0.42
N SER A 496 -10.15 27.46 -0.58
CA SER A 496 -10.21 28.72 -1.29
C SER A 496 -10.55 29.87 -0.36
N ILE A 497 -11.55 29.68 0.48
CA ILE A 497 -11.96 30.71 1.42
C ILE A 497 -10.83 31.05 2.38
N ILE A 498 -10.18 30.02 2.92
CA ILE A 498 -9.07 30.27 3.85
C ILE A 498 -7.98 31.08 3.16
N PHE A 499 -7.55 30.62 1.98
CA PHE A 499 -6.48 31.30 1.26
C PHE A 499 -6.81 32.77 1.03
N THR A 500 -8.00 33.04 0.49
CA THR A 500 -8.34 34.42 0.16
C THR A 500 -8.41 35.28 1.42
N CYS A 501 -9.17 34.84 2.42
CA CYS A 501 -9.33 35.67 3.61
C CYS A 501 -7.97 35.99 4.23
N ILE A 502 -7.05 35.04 4.19
CA ILE A 502 -5.75 35.26 4.82
C ILE A 502 -4.88 36.19 3.98
N VAL A 503 -4.80 35.94 2.68
CA VAL A 503 -3.76 36.59 1.88
C VAL A 503 -4.23 37.94 1.35
N TYR A 504 -5.51 38.05 1.00
CA TYR A 504 -5.94 39.18 0.19
C TYR A 504 -5.61 40.52 0.82
N PHE A 505 -5.61 40.60 2.14
CA PHE A 505 -5.37 41.87 2.82
C PHE A 505 -3.92 42.02 3.26
N MET A 506 -3.27 40.92 3.64
CA MET A 506 -1.85 40.97 3.93
C MET A 506 -1.06 41.38 2.70
N LEU A 507 -1.46 40.91 1.53
CA LEU A 507 -0.77 41.15 0.28
C LEU A 507 -1.06 42.52 -0.32
N GLY A 508 -2.13 43.17 0.10
CA GLY A 508 -2.47 44.46 -0.47
C GLY A 508 -2.88 44.37 -1.93
N LEU A 509 -3.71 43.39 -2.26
CA LEU A 509 -4.28 43.30 -3.60
C LEU A 509 -5.43 44.30 -3.70
N LYS A 510 -6.21 44.20 -4.77
CA LYS A 510 -7.22 45.20 -5.04
C LYS A 510 -8.17 45.35 -3.86
N PRO A 511 -8.55 46.57 -3.48
CA PRO A 511 -9.38 46.76 -2.28
C PRO A 511 -10.88 46.57 -2.49
N LYS A 512 -11.33 46.40 -3.73
CA LYS A 512 -12.76 46.25 -3.99
C LYS A 512 -13.23 44.87 -3.60
N ALA A 513 -14.53 44.74 -3.34
CA ALA A 513 -15.10 43.47 -2.92
C ALA A 513 -15.44 42.59 -4.11
N ASP A 514 -15.91 43.21 -5.19
CA ASP A 514 -16.23 42.46 -6.41
C ASP A 514 -15.04 41.61 -6.84
N ALA A 515 -13.84 42.15 -6.70
CA ALA A 515 -12.63 41.38 -6.99
C ALA A 515 -12.41 40.27 -5.98
N PHE A 516 -12.69 40.54 -4.70
CA PHE A 516 -12.46 39.56 -3.65
C PHE A 516 -13.28 38.30 -3.91
N PHE A 517 -14.58 38.47 -4.13
CA PHE A 517 -15.44 37.31 -4.31
C PHE A 517 -15.19 36.62 -5.63
N VAL A 518 -14.73 37.37 -6.65
CA VAL A 518 -14.33 36.74 -7.90
C VAL A 518 -13.13 35.83 -7.69
N MET A 519 -12.18 36.29 -6.88
CA MET A 519 -11.03 35.47 -6.55
C MET A 519 -11.47 34.19 -5.86
N MET A 520 -12.36 34.31 -4.89
CA MET A 520 -12.85 33.13 -4.16
C MET A 520 -13.54 32.16 -5.11
N PHE A 521 -14.49 32.67 -5.89
CA PHE A 521 -15.26 31.83 -6.79
C PHE A 521 -14.36 31.14 -7.81
N THR A 522 -13.39 31.86 -8.35
CA THR A 522 -12.49 31.28 -9.35
C THR A 522 -11.66 30.16 -8.75
N LEU A 523 -11.11 30.37 -7.55
CA LEU A 523 -10.33 29.32 -6.92
C LEU A 523 -11.18 28.09 -6.64
N MET A 524 -12.41 28.30 -6.16
CA MET A 524 -13.29 27.17 -5.91
C MET A 524 -13.54 26.37 -7.17
N MET A 525 -13.82 27.06 -8.28
CA MET A 525 -14.11 26.35 -9.52
C MET A 525 -12.90 25.59 -10.02
N VAL A 526 -11.70 26.15 -9.84
CA VAL A 526 -10.50 25.42 -10.20
C VAL A 526 -10.42 24.12 -9.41
N ALA A 527 -10.67 24.19 -8.10
CA ALA A 527 -10.58 23.00 -7.27
C ALA A 527 -11.61 21.96 -7.70
N TYR A 528 -12.85 22.39 -7.93
CA TYR A 528 -13.88 21.45 -8.33
C TYR A 528 -13.55 20.77 -9.64
N SER A 529 -13.09 21.55 -10.63
CA SER A 529 -12.79 20.97 -11.93
C SER A 529 -11.64 19.96 -11.83
N ALA A 530 -10.61 20.29 -11.06
CA ALA A 530 -9.48 19.36 -10.92
C ALA A 530 -9.90 18.09 -10.21
N SER A 531 -10.64 18.21 -9.11
CA SER A 531 -11.10 17.02 -8.40
C SER A 531 -12.01 16.19 -9.29
N SER A 532 -12.86 16.84 -10.08
CA SER A 532 -13.72 16.12 -11.00
C SER A 532 -12.91 15.33 -12.01
N MET A 533 -11.85 15.93 -12.55
CA MET A 533 -10.99 15.20 -13.48
C MET A 533 -10.35 14.01 -12.79
N ALA A 534 -9.91 14.19 -11.55
CA ALA A 534 -9.31 13.07 -10.81
C ALA A 534 -10.32 11.96 -10.63
N LEU A 535 -11.57 12.31 -10.33
CA LEU A 535 -12.62 11.29 -10.22
C LEU A 535 -12.79 10.54 -11.53
N ALA A 536 -12.92 11.28 -12.63
CA ALA A 536 -13.10 10.64 -13.93
C ALA A 536 -11.95 9.71 -14.26
N ILE A 537 -10.76 9.98 -13.76
CA ILE A 537 -9.61 9.12 -14.03
C ILE A 537 -9.54 7.95 -13.06
N ALA A 538 -10.00 8.12 -11.83
CA ALA A 538 -9.84 7.11 -10.80
C ALA A 538 -11.07 6.24 -10.59
N ALA A 539 -12.25 6.67 -11.06
CA ALA A 539 -13.45 5.91 -10.84
C ALA A 539 -13.34 4.53 -11.48
N GLY A 540 -13.87 3.52 -10.80
CA GLY A 540 -13.81 2.18 -11.31
C GLY A 540 -12.42 1.60 -11.36
N GLN A 541 -11.60 1.90 -10.36
CA GLN A 541 -10.27 1.33 -10.23
C GLN A 541 -10.03 0.91 -8.79
N SER A 542 -9.27 -0.17 -8.64
CA SER A 542 -8.90 -0.68 -7.33
C SER A 542 -7.47 -0.35 -6.95
N VAL A 543 -6.65 0.07 -7.91
CA VAL A 543 -5.27 0.48 -7.67
C VAL A 543 -5.21 1.99 -7.82
N VAL A 544 -4.48 2.65 -6.91
CA VAL A 544 -4.50 4.10 -6.81
C VAL A 544 -3.23 4.69 -7.43
N SER A 545 -2.13 3.96 -7.37
CA SER A 545 -0.83 4.51 -7.75
C SER A 545 -0.84 4.99 -9.20
N VAL A 546 -1.37 4.16 -10.10
CA VAL A 546 -1.40 4.53 -11.51
C VAL A 546 -2.17 5.82 -11.70
N ALA A 547 -3.31 5.94 -11.03
CA ALA A 547 -4.11 7.15 -11.14
C ALA A 547 -3.33 8.37 -10.67
N THR A 548 -2.64 8.25 -9.55
CA THR A 548 -1.89 9.39 -9.02
C THR A 548 -0.82 9.83 -10.00
N LEU A 549 -0.08 8.87 -10.56
CA LEU A 549 0.95 9.22 -11.53
C LEU A 549 0.35 9.91 -12.74
N LEU A 550 -0.79 9.41 -13.22
CA LEU A 550 -1.44 10.04 -14.36
C LEU A 550 -1.85 11.46 -14.04
N MET A 551 -2.42 11.68 -12.85
CA MET A 551 -2.87 13.02 -12.49
C MET A 551 -1.70 13.99 -12.42
N THR A 552 -0.60 13.57 -11.80
CA THR A 552 0.56 14.46 -11.72
C THR A 552 1.07 14.81 -13.10
N ILE A 553 1.18 13.82 -13.98
CA ILE A 553 1.68 14.09 -15.33
C ILE A 553 0.76 15.08 -16.05
N CYS A 554 -0.55 14.84 -15.98
CA CYS A 554 -1.49 15.74 -16.63
C CYS A 554 -1.33 17.15 -16.09
N PHE A 555 -1.12 17.28 -14.78
CA PHE A 555 -1.06 18.61 -14.18
C PHE A 555 0.23 19.33 -14.56
N VAL A 556 1.34 18.61 -14.71
CA VAL A 556 2.55 19.29 -15.18
C VAL A 556 2.32 19.83 -16.58
N PHE A 557 1.77 18.99 -17.46
CA PHE A 557 1.57 19.43 -18.84
C PHE A 557 0.55 20.56 -18.91
N MET A 558 -0.37 20.61 -17.96
CA MET A 558 -1.26 21.77 -17.85
C MET A 558 -0.51 23.00 -17.39
N MET A 559 0.38 22.82 -16.43
CA MET A 559 1.09 23.95 -15.84
C MET A 559 1.96 24.66 -16.87
N ILE A 560 2.64 23.91 -17.73
CA ILE A 560 3.50 24.54 -18.72
C ILE A 560 2.73 25.55 -19.55
N PHE A 561 1.50 25.22 -19.91
CA PHE A 561 0.67 26.09 -20.72
C PHE A 561 -0.07 27.13 -19.91
N SER A 562 0.29 27.30 -18.64
CA SER A 562 -0.13 28.47 -17.90
C SER A 562 0.70 29.68 -18.36
N GLY A 563 0.11 30.86 -18.22
CA GLY A 563 0.65 32.03 -18.90
C GLY A 563 2.05 32.41 -18.44
N LEU A 564 2.44 31.97 -17.25
CA LEU A 564 3.64 32.52 -16.62
C LEU A 564 4.91 32.07 -17.35
N LEU A 565 5.02 30.78 -17.65
CA LEU A 565 6.31 30.22 -18.02
C LEU A 565 6.60 30.29 -19.51
N VAL A 566 5.61 30.62 -20.34
CA VAL A 566 5.72 30.32 -21.76
C VAL A 566 5.34 31.48 -22.67
N ASN A 567 4.59 32.48 -22.21
CA ASN A 567 4.18 33.57 -23.10
C ASN A 567 3.37 33.01 -24.27
N LEU A 568 2.18 32.49 -23.98
CA LEU A 568 1.38 31.73 -24.93
C LEU A 568 1.30 32.39 -26.31
N THR A 569 1.40 33.72 -26.41
CA THR A 569 1.35 34.34 -27.72
C THR A 569 2.47 33.86 -28.62
N THR A 570 3.53 33.33 -28.04
CA THR A 570 4.71 32.94 -28.80
C THR A 570 4.61 31.50 -29.32
N ILE A 571 3.83 30.64 -28.67
CA ILE A 571 3.81 29.24 -29.04
C ILE A 571 3.38 29.09 -30.49
N ALA A 572 3.85 28.03 -31.12
CA ALA A 572 3.54 27.78 -32.52
C ALA A 572 2.05 27.45 -32.69
N SER A 573 1.54 27.71 -33.89
CA SER A 573 0.12 27.54 -34.15
C SER A 573 -0.31 26.09 -34.03
N TRP A 574 0.56 25.16 -34.42
CA TRP A 574 0.16 23.76 -34.44
C TRP A 574 0.20 23.15 -33.04
N LEU A 575 0.64 23.92 -32.05
CA LEU A 575 0.65 23.48 -30.67
C LEU A 575 -0.15 24.38 -29.74
N SER A 576 -0.55 25.57 -30.22
CA SER A 576 -1.25 26.50 -29.34
C SER A 576 -2.56 25.92 -28.85
N TRP A 577 -3.22 25.12 -29.68
CA TRP A 577 -4.58 24.66 -29.36
C TRP A 577 -4.63 23.83 -28.08
N LEU A 578 -3.50 23.29 -27.62
CA LEU A 578 -3.50 22.53 -26.38
C LEU A 578 -3.74 23.42 -25.17
N GLN A 579 -3.53 24.73 -25.29
CA GLN A 579 -3.72 25.60 -24.15
C GLN A 579 -5.16 25.67 -23.72
N TYR A 580 -6.09 25.19 -24.54
CA TYR A 580 -7.51 25.22 -24.23
C TYR A 580 -7.95 24.02 -23.40
N PHE A 581 -7.02 23.15 -23.03
CA PHE A 581 -7.31 21.97 -22.21
C PHE A 581 -6.72 22.11 -20.81
N SER A 582 -6.33 23.33 -20.42
CA SER A 582 -5.61 23.56 -19.17
C SER A 582 -6.52 24.28 -18.18
N ILE A 583 -6.76 23.65 -17.04
CA ILE A 583 -7.50 24.31 -15.96
C ILE A 583 -6.71 25.50 -15.41
N PRO A 584 -5.43 25.36 -15.06
CA PRO A 584 -4.73 26.49 -14.46
C PRO A 584 -4.69 27.72 -15.34
N ARG A 585 -4.67 27.53 -16.66
CA ARG A 585 -4.68 28.68 -17.55
C ARG A 585 -5.92 29.52 -17.31
N TYR A 586 -7.09 28.89 -17.25
CA TYR A 586 -8.32 29.63 -17.06
C TYR A 586 -8.34 30.34 -15.71
N GLY A 587 -7.99 29.61 -14.65
CA GLY A 587 -7.99 30.24 -13.34
C GLY A 587 -7.00 31.38 -13.24
N PHE A 588 -5.77 31.14 -13.69
CA PHE A 588 -4.72 32.15 -13.61
C PHE A 588 -5.06 33.37 -14.45
N THR A 589 -5.58 33.16 -15.65
CA THR A 589 -5.97 34.26 -16.50
C THR A 589 -7.07 35.10 -15.85
N ALA A 590 -8.04 34.43 -15.24
CA ALA A 590 -9.12 35.17 -14.58
C ALA A 590 -8.58 36.01 -13.43
N LEU A 591 -7.69 35.44 -12.63
CA LEU A 591 -7.12 36.19 -11.51
C LEU A 591 -6.33 37.39 -12.01
N GLN A 592 -5.50 37.20 -13.03
CA GLN A 592 -4.77 38.31 -13.60
C GLN A 592 -5.71 39.41 -14.07
N HIS A 593 -6.71 39.05 -14.87
CA HIS A 593 -7.65 40.04 -15.37
C HIS A 593 -8.38 40.74 -14.24
N ASN A 594 -8.49 40.09 -13.08
CA ASN A 594 -9.15 40.72 -11.96
C ASN A 594 -8.25 41.72 -11.26
N GLU A 595 -6.94 41.44 -11.23
CA GLU A 595 -6.01 42.23 -10.42
C GLU A 595 -5.29 43.31 -11.22
N PHE A 596 -4.66 42.94 -12.32
CA PHE A 596 -3.78 43.89 -13.01
C PHE A 596 -4.54 45.06 -13.61
N LEU A 597 -5.83 44.91 -13.82
CA LEU A 597 -6.58 45.97 -14.48
C LEU A 597 -6.57 47.24 -13.64
N GLY A 598 -6.27 48.36 -14.27
CA GLY A 598 -6.20 49.62 -13.57
C GLY A 598 -5.09 49.73 -12.55
N GLN A 599 -3.89 49.26 -12.91
CA GLN A 599 -2.71 49.37 -12.07
C GLN A 599 -1.58 49.98 -12.87
N ASN A 600 -0.78 50.81 -12.23
CA ASN A 600 0.34 51.50 -12.86
C ASN A 600 1.63 51.10 -12.16
N PHE A 601 2.57 50.56 -12.93
CA PHE A 601 3.80 50.01 -12.38
C PHE A 601 5.03 50.83 -12.74
N CYS A 602 4.86 52.05 -13.25
CA CYS A 602 5.99 52.92 -13.52
C CYS A 602 5.87 54.18 -12.68
N PRO A 603 6.46 54.19 -11.48
CA PRO A 603 6.28 55.34 -10.60
C PRO A 603 7.13 56.53 -11.02
N GLY A 604 6.57 57.72 -10.86
CA GLY A 604 7.28 58.94 -11.23
C GLY A 604 7.56 59.04 -12.71
N LEU A 605 6.69 58.46 -13.55
CA LEU A 605 6.85 58.60 -14.99
C LEU A 605 6.68 60.05 -15.41
N ASN A 606 5.67 60.72 -14.87
CA ASN A 606 5.40 62.14 -15.09
C ASN A 606 4.79 62.40 -16.47
N ALA A 607 4.79 61.39 -17.35
CA ALA A 607 4.14 61.40 -18.65
C ALA A 607 4.41 62.69 -19.42
N THR A 608 5.46 63.45 -19.09
CA THR A 608 5.70 64.70 -19.80
C THR A 608 6.45 64.45 -21.11
N GLY A 609 7.54 63.69 -21.04
CA GLY A 609 8.15 63.19 -22.26
C GLY A 609 7.24 62.22 -22.98
N ASN A 610 6.34 61.57 -22.25
CA ASN A 610 5.35 60.64 -22.77
C ASN A 610 5.99 59.42 -23.43
N ASN A 611 7.27 59.17 -23.16
CA ASN A 611 7.99 58.08 -23.79
C ASN A 611 8.41 57.04 -22.76
N PRO A 612 7.64 55.96 -22.58
CA PRO A 612 8.11 54.85 -21.74
C PRO A 612 8.97 53.85 -22.47
N CYS A 613 9.47 54.18 -23.65
CA CYS A 613 10.36 53.38 -24.50
C CYS A 613 9.64 52.23 -25.18
N ASN A 614 8.36 52.01 -24.87
CA ASN A 614 7.58 50.89 -25.40
C ASN A 614 8.14 49.54 -24.98
N TYR A 615 9.11 49.51 -24.07
CA TYR A 615 9.67 48.27 -23.53
C TYR A 615 9.46 48.18 -22.03
N ALA A 616 8.61 49.03 -21.47
CA ALA A 616 8.56 49.22 -20.02
C ALA A 616 7.47 48.44 -19.34
N THR A 617 6.35 48.16 -20.01
CA THR A 617 5.20 47.54 -19.38
C THR A 617 4.76 48.38 -18.18
N CYS A 618 4.44 49.64 -18.46
CA CYS A 618 4.15 50.59 -17.40
C CYS A 618 2.72 50.52 -16.90
N THR A 619 1.89 49.63 -17.44
CA THR A 619 0.51 49.53 -17.02
C THR A 619 0.07 48.06 -17.09
N GLY A 620 -0.92 47.73 -16.28
CA GLY A 620 -1.42 46.36 -16.24
C GLY A 620 -2.07 45.95 -17.53
N GLU A 621 -2.89 46.83 -18.12
CA GLU A 621 -3.53 46.52 -19.39
C GLU A 621 -2.50 46.12 -20.43
N GLU A 622 -1.37 46.82 -20.47
CA GLU A 622 -0.32 46.52 -21.44
C GLU A 622 0.27 45.14 -21.20
N TYR A 623 0.52 44.79 -19.93
CA TYR A 623 1.02 43.46 -19.61
C TYR A 623 0.03 42.38 -20.06
N LEU A 624 -1.25 42.60 -19.80
CA LEU A 624 -2.25 41.62 -20.18
C LEU A 624 -2.26 41.42 -21.68
N VAL A 625 -2.32 42.50 -22.45
CA VAL A 625 -2.41 42.35 -23.90
C VAL A 625 -1.14 41.71 -24.44
N LYS A 626 -0.01 41.96 -23.79
CA LYS A 626 1.23 41.34 -24.23
C LYS A 626 1.28 39.86 -23.88
N GLN A 627 0.49 39.44 -22.89
CA GLN A 627 0.39 38.03 -22.56
C GLN A 627 -0.73 37.32 -23.30
N GLY A 628 -1.54 38.04 -24.09
CA GLY A 628 -2.59 37.43 -24.88
C GLY A 628 -3.99 37.60 -24.34
N ILE A 629 -4.14 38.10 -23.12
CA ILE A 629 -5.45 38.16 -22.49
C ILE A 629 -6.30 39.26 -23.14
N ASP A 630 -7.61 39.17 -22.91
CA ASP A 630 -8.57 40.12 -23.42
C ASP A 630 -9.07 40.99 -22.28
N LEU A 631 -9.10 42.29 -22.49
CA LEU A 631 -9.46 43.25 -21.45
C LEU A 631 -10.97 43.44 -21.30
N SER A 632 -11.76 42.88 -22.21
CA SER A 632 -13.19 43.01 -22.10
C SER A 632 -13.70 42.15 -20.94
N PRO A 633 -14.87 42.47 -20.40
CA PRO A 633 -15.40 41.66 -19.30
C PRO A 633 -15.63 40.22 -19.67
N TRP A 634 -15.73 39.90 -20.96
CA TRP A 634 -16.03 38.54 -21.38
C TRP A 634 -14.93 37.56 -21.04
N GLY A 635 -13.67 38.02 -20.98
CA GLY A 635 -12.57 37.09 -20.76
C GLY A 635 -12.67 36.34 -19.44
N LEU A 636 -12.87 37.09 -18.36
CA LEU A 636 -12.98 36.51 -17.04
C LEU A 636 -14.10 35.47 -17.00
N TRP A 637 -15.27 35.84 -17.50
CA TRP A 637 -16.43 34.98 -17.37
C TRP A 637 -16.36 33.80 -18.32
N LYS A 638 -15.66 33.94 -19.43
CA LYS A 638 -15.50 32.80 -20.33
C LYS A 638 -14.57 31.76 -19.72
N ASN A 639 -13.57 32.22 -18.96
CA ASN A 639 -12.73 31.27 -18.24
C ASN A 639 -13.57 30.49 -17.23
N HIS A 640 -14.41 31.17 -16.48
CA HIS A 640 -15.27 30.48 -15.52
C HIS A 640 -16.22 29.51 -16.22
N VAL A 641 -16.76 29.94 -17.37
CA VAL A 641 -17.67 29.09 -18.13
C VAL A 641 -16.98 27.80 -18.56
N ALA A 642 -15.76 27.92 -19.07
CA ALA A 642 -15.02 26.74 -19.50
C ALA A 642 -14.79 25.80 -18.33
N LEU A 643 -14.46 26.35 -17.17
CA LEU A 643 -14.27 25.50 -15.99
C LEU A 643 -15.54 24.74 -15.66
N ALA A 644 -16.69 25.41 -15.71
CA ALA A 644 -17.95 24.74 -15.41
C ALA A 644 -18.21 23.59 -16.38
N CYS A 645 -17.98 23.84 -17.67
CA CYS A 645 -18.19 22.79 -18.66
C CYS A 645 -17.29 21.60 -18.40
N MET A 646 -16.03 21.85 -18.05
CA MET A 646 -15.12 20.74 -17.74
C MET A 646 -15.62 19.95 -16.54
N ILE A 647 -16.14 20.65 -15.53
CA ILE A 647 -16.69 19.97 -14.36
C ILE A 647 -17.79 19.00 -14.79
N VAL A 648 -18.74 19.49 -15.57
CA VAL A 648 -19.87 18.66 -15.97
C VAL A 648 -19.40 17.47 -16.77
N ILE A 649 -18.50 17.71 -17.73
CA ILE A 649 -18.01 16.63 -18.58
C ILE A 649 -17.40 15.52 -17.74
N PHE A 650 -16.52 15.89 -16.81
CA PHE A 650 -15.78 14.88 -16.07
C PHE A 650 -16.68 14.13 -15.10
N LEU A 651 -17.64 14.84 -14.46
CA LEU A 651 -18.54 14.15 -13.55
C LEU A 651 -19.42 13.16 -14.30
N THR A 652 -19.93 13.55 -15.46
CA THR A 652 -20.72 12.62 -16.26
C THR A 652 -19.91 11.40 -16.66
N ILE A 653 -18.64 11.62 -17.02
CA ILE A 653 -17.77 10.49 -17.35
C ILE A 653 -17.65 9.55 -16.18
N ALA A 654 -17.45 10.10 -14.97
CA ALA A 654 -17.32 9.26 -13.79
C ALA A 654 -18.58 8.45 -13.56
N TYR A 655 -19.75 9.08 -13.71
CA TYR A 655 -21.00 8.37 -13.50
C TYR A 655 -21.13 7.21 -14.49
N LEU A 656 -20.82 7.46 -15.76
CA LEU A 656 -20.92 6.40 -16.75
C LEU A 656 -19.91 5.29 -16.48
N LYS A 657 -18.77 5.64 -15.90
CA LYS A 657 -17.78 4.61 -15.59
C LYS A 657 -18.22 3.75 -14.43
N LEU A 658 -18.94 4.33 -13.47
CA LEU A 658 -19.50 3.53 -12.38
C LEU A 658 -20.68 2.69 -12.84
N LEU A 659 -21.50 3.24 -13.73
CA LEU A 659 -22.71 2.55 -14.17
C LEU A 659 -22.42 1.42 -15.14
N PHE A 660 -21.24 1.41 -15.76
CA PHE A 660 -20.82 0.33 -16.64
C PHE A 660 -19.69 -0.48 -16.02
N LEU A 661 -19.53 -0.38 -14.71
CA LEU A 661 -18.58 -1.21 -13.99
C LEU A 661 -19.08 -2.64 -13.92
N LYS A 662 -18.14 -3.56 -13.69
CA LYS A 662 -18.49 -4.98 -13.60
C LYS A 662 -18.93 -5.29 -12.18
N LYS A 663 -20.24 -5.40 -11.98
CA LYS A 663 -20.84 -5.70 -10.68
C LYS A 663 -21.52 -7.06 -10.77
N TYR A 664 -20.76 -8.10 -10.50
CA TYR A 664 -21.26 -9.48 -10.59
C TYR A 664 -20.18 -10.44 -10.11
N GLY B 44 26.29 -33.90 18.39
CA GLY B 44 25.58 -32.75 17.86
C GLY B 44 25.59 -31.59 18.83
N ALA B 45 24.77 -30.58 18.55
CA ALA B 45 24.68 -29.41 19.41
C ALA B 45 23.56 -29.58 20.43
N VAL B 46 23.78 -29.02 21.61
CA VAL B 46 22.82 -29.10 22.70
C VAL B 46 22.61 -27.71 23.27
N LEU B 47 21.58 -27.02 22.80
CA LEU B 47 21.30 -25.66 23.24
C LEU B 47 20.42 -25.70 24.47
N SER B 48 20.96 -25.27 25.60
CA SER B 48 20.32 -25.42 26.90
C SER B 48 20.08 -24.04 27.50
N PHE B 49 18.86 -23.54 27.37
CA PHE B 49 18.47 -22.35 28.10
C PHE B 49 18.14 -22.71 29.54
N HIS B 50 18.08 -21.69 30.39
CA HIS B 50 17.88 -21.89 31.82
C HIS B 50 17.45 -20.59 32.46
N ASN B 51 16.40 -20.68 33.27
CA ASN B 51 15.89 -19.55 34.05
C ASN B 51 15.90 -18.26 33.25
N ILE B 52 15.34 -18.31 32.03
CA ILE B 52 15.27 -17.12 31.19
C ILE B 52 14.20 -16.18 31.73
N CYS B 53 14.47 -14.88 31.61
CA CYS B 53 13.48 -13.84 31.91
C CYS B 53 13.87 -12.62 31.10
N TYR B 54 12.95 -12.16 30.24
CA TYR B 54 13.22 -11.05 29.34
C TYR B 54 12.26 -9.91 29.64
N ARG B 55 12.83 -8.71 29.82
CA ARG B 55 12.06 -7.51 30.16
C ARG B 55 12.22 -6.51 29.03
N VAL B 56 11.10 -6.03 28.50
CA VAL B 56 11.11 -5.10 27.39
C VAL B 56 10.62 -3.73 27.85
N GLU B 70 7.86 -1.94 32.41
CA GLU B 70 8.76 -3.08 32.25
C GLU B 70 7.98 -4.37 32.06
N LYS B 71 7.17 -4.41 31.00
CA LYS B 71 6.43 -5.61 30.68
C LYS B 71 7.39 -6.77 30.47
N GLU B 72 7.08 -7.90 31.08
CA GLU B 72 7.92 -9.10 31.00
C GLU B 72 7.21 -10.11 30.11
N ILE B 73 7.59 -10.11 28.83
CA ILE B 73 6.93 -10.98 27.86
C ILE B 73 7.23 -12.45 28.16
N LEU B 74 8.43 -12.74 28.64
CA LEU B 74 8.82 -14.09 29.03
C LEU B 74 9.19 -14.09 30.51
N SER B 75 8.53 -14.96 31.28
CA SER B 75 8.65 -14.92 32.72
C SER B 75 9.74 -15.86 33.23
N ASN B 76 9.61 -17.15 32.95
CA ASN B 76 10.55 -18.16 33.44
C ASN B 76 10.51 -19.33 32.47
N ILE B 77 11.66 -19.62 31.86
CA ILE B 77 11.74 -20.61 30.79
C ILE B 77 13.06 -21.35 30.86
N ASN B 78 13.00 -22.66 31.09
CA ASN B 78 14.19 -23.51 31.07
C ASN B 78 13.90 -24.74 30.23
N GLY B 79 14.94 -25.27 29.60
CA GLY B 79 14.80 -26.43 28.75
C GLY B 79 16.12 -26.79 28.13
N ILE B 80 16.11 -27.88 27.38
CA ILE B 80 17.24 -28.35 26.60
C ILE B 80 16.75 -28.81 25.25
N MET B 81 17.39 -28.34 24.19
CA MET B 81 17.00 -28.63 22.82
C MET B 81 18.04 -29.56 22.21
N LYS B 82 17.83 -30.86 22.40
CA LYS B 82 18.73 -31.87 21.88
C LYS B 82 18.63 -31.92 20.37
N PRO B 83 19.61 -32.54 19.70
CA PRO B 83 19.53 -32.66 18.24
C PRO B 83 18.26 -33.34 17.79
N GLY B 84 17.72 -32.85 16.69
CA GLY B 84 16.49 -33.36 16.15
C GLY B 84 15.55 -32.25 15.72
N LEU B 85 14.27 -32.58 15.58
CA LEU B 85 13.29 -31.61 15.12
C LEU B 85 12.57 -30.97 16.29
N ASN B 86 13.30 -30.23 17.12
CA ASN B 86 12.69 -29.52 18.24
C ASN B 86 11.69 -28.50 17.73
N ALA B 87 10.70 -28.18 18.58
CA ALA B 87 9.61 -27.30 18.19
C ALA B 87 9.21 -26.38 19.32
N ILE B 88 8.56 -25.29 18.94
CA ILE B 88 7.97 -24.32 19.86
C ILE B 88 6.56 -24.04 19.39
N LEU B 89 5.63 -24.02 20.33
CA LEU B 89 4.21 -23.97 20.00
C LEU B 89 3.47 -23.14 21.04
N GLY B 90 2.33 -22.59 20.62
CA GLY B 90 1.49 -21.84 21.51
C GLY B 90 0.67 -20.78 20.78
N PRO B 91 -0.15 -20.05 21.53
CA PRO B 91 -0.96 -19.00 20.92
C PRO B 91 -0.10 -17.88 20.36
N THR B 92 -0.74 -17.05 19.53
CA THR B 92 -0.03 -15.98 18.86
C THR B 92 0.56 -15.00 19.86
N GLY B 93 -0.19 -14.64 20.89
CA GLY B 93 0.32 -13.69 21.87
C GLY B 93 1.46 -14.25 22.68
N GLY B 94 1.56 -15.58 22.76
CA GLY B 94 2.64 -16.18 23.50
C GLY B 94 3.98 -15.88 22.88
N GLY B 95 4.99 -15.74 23.73
CA GLY B 95 6.32 -15.39 23.28
C GLY B 95 7.08 -16.55 22.70
N LYS B 96 6.67 -17.00 21.50
CA LYS B 96 7.40 -18.06 20.82
C LYS B 96 8.46 -17.53 19.87
N SER B 97 8.09 -16.59 18.99
CA SER B 97 9.08 -15.94 18.15
C SER B 97 10.08 -15.17 19.00
N SER B 98 9.61 -14.58 20.10
CA SER B 98 10.51 -13.86 21.00
C SER B 98 11.54 -14.80 21.60
N LEU B 99 11.10 -15.97 22.07
CA LEU B 99 12.04 -16.95 22.60
C LEU B 99 13.01 -17.40 21.53
N LEU B 100 12.50 -17.63 20.33
CA LEU B 100 13.34 -18.06 19.23
C LEU B 100 14.45 -17.05 18.96
N ASP B 101 14.10 -15.78 18.87
CA ASP B 101 15.11 -14.75 18.65
C ASP B 101 16.08 -14.69 19.81
N VAL B 102 15.58 -14.83 21.04
CA VAL B 102 16.45 -14.83 22.21
C VAL B 102 17.53 -15.90 22.07
N LEU B 103 17.14 -17.10 21.64
CA LEU B 103 18.12 -18.17 21.51
C LEU B 103 19.11 -17.90 20.40
N ALA B 104 18.67 -17.24 19.32
CA ALA B 104 19.53 -16.98 18.18
C ALA B 104 20.32 -15.68 18.32
N ALA B 105 20.12 -14.94 19.41
CA ALA B 105 20.83 -13.70 19.68
C ALA B 105 20.38 -12.56 18.76
N ARG B 106 19.13 -12.59 18.30
CA ARG B 106 18.58 -11.54 17.48
C ARG B 106 17.80 -10.51 18.29
N LYS B 107 17.98 -10.50 19.61
CA LYS B 107 17.27 -9.59 20.49
C LYS B 107 18.25 -8.88 21.41
N ASP B 108 17.88 -7.69 21.84
CA ASP B 108 18.78 -6.86 22.63
C ASP B 108 19.16 -7.60 23.92
N PRO B 109 20.46 -7.79 24.19
CA PRO B 109 20.86 -8.54 25.39
C PRO B 109 20.47 -7.87 26.70
N SER B 110 20.07 -6.61 26.68
CA SER B 110 19.79 -5.90 27.92
C SER B 110 18.66 -6.58 28.69
N GLY B 111 17.54 -6.84 28.03
CA GLY B 111 16.40 -7.43 28.72
C GLY B 111 16.67 -8.84 29.21
N LEU B 112 17.47 -9.60 28.46
CA LEU B 112 17.72 -10.99 28.80
C LEU B 112 18.30 -11.09 30.21
N SER B 113 17.86 -12.11 30.94
CA SER B 113 18.26 -12.27 32.34
C SER B 113 18.59 -13.72 32.69
N GLY B 114 18.96 -14.55 31.73
CA GLY B 114 19.24 -15.94 31.99
C GLY B 114 20.50 -16.41 31.27
N ASP B 115 20.81 -17.69 31.46
CA ASP B 115 22.01 -18.30 30.91
C ASP B 115 21.63 -19.16 29.72
N VAL B 116 22.08 -18.76 28.54
CA VAL B 116 22.01 -19.60 27.34
C VAL B 116 23.37 -20.25 27.17
N LEU B 117 23.38 -21.57 26.96
CA LEU B 117 24.60 -22.34 26.93
C LEU B 117 24.45 -23.45 25.90
N ILE B 118 25.38 -23.52 24.97
CA ILE B 118 25.35 -24.48 23.88
C ILE B 118 26.46 -25.49 24.08
N ASN B 119 26.10 -26.77 24.08
CA ASN B 119 27.07 -27.86 24.16
C ASN B 119 27.99 -27.70 25.35
N GLY B 120 27.50 -27.05 26.40
CA GLY B 120 28.24 -26.90 27.64
C GLY B 120 29.04 -25.63 27.77
N ALA B 121 29.06 -24.78 26.75
CA ALA B 121 29.85 -23.56 26.78
C ALA B 121 28.98 -22.36 26.44
N PRO B 122 29.34 -21.17 26.93
CA PRO B 122 28.53 -19.99 26.62
C PRO B 122 28.56 -19.68 25.13
N ARG B 123 27.57 -18.92 24.70
CA ARG B 123 27.42 -18.67 23.27
C ARG B 123 28.65 -17.93 22.74
N PRO B 124 29.30 -18.43 21.70
CA PRO B 124 30.44 -17.72 21.14
C PRO B 124 30.03 -16.40 20.49
N ALA B 125 31.00 -15.49 20.42
CA ALA B 125 30.72 -14.17 19.86
C ALA B 125 30.30 -14.27 18.39
N ASN B 126 30.82 -15.25 17.66
CA ASN B 126 30.51 -15.43 16.25
C ASN B 126 29.34 -16.39 16.03
N PHE B 127 28.41 -16.46 16.97
CA PHE B 127 27.34 -17.45 16.90
C PHE B 127 26.42 -17.19 15.71
N LYS B 128 25.94 -15.95 15.56
CA LYS B 128 25.00 -15.64 14.49
C LYS B 128 25.56 -16.02 13.13
N CYS B 129 26.88 -15.96 12.98
CA CYS B 129 27.50 -16.28 11.71
C CYS B 129 27.53 -17.78 11.43
N ASN B 130 27.60 -18.60 12.49
CA ASN B 130 27.67 -20.05 12.35
C ASN B 130 26.32 -20.72 12.63
N SER B 131 25.24 -19.94 12.70
CA SER B 131 23.91 -20.49 12.93
C SER B 131 22.91 -19.73 12.09
N GLY B 132 22.15 -20.47 11.28
CA GLY B 132 21.21 -19.84 10.39
C GLY B 132 19.90 -19.48 11.07
N TYR B 133 19.22 -18.50 10.49
CA TYR B 133 17.89 -18.09 10.90
C TYR B 133 17.09 -17.80 9.66
N VAL B 134 15.85 -18.27 9.64
CA VAL B 134 14.97 -18.13 8.48
C VAL B 134 13.77 -17.28 8.90
N VAL B 135 13.67 -16.09 8.31
CA VAL B 135 12.61 -15.18 8.68
C VAL B 135 11.26 -15.72 8.21
N GLN B 136 10.20 -15.16 8.79
CA GLN B 136 8.84 -15.58 8.44
C GLN B 136 8.53 -15.23 7.00
N ASP B 137 8.55 -13.94 6.66
CA ASP B 137 8.28 -13.51 5.30
C ASP B 137 9.58 -13.52 4.51
N ASP B 138 9.59 -14.27 3.41
CA ASP B 138 10.82 -14.46 2.65
C ASP B 138 11.35 -13.13 2.15
N VAL B 139 12.67 -12.95 2.29
CA VAL B 139 13.35 -11.73 1.88
C VAL B 139 14.16 -11.92 0.61
N VAL B 140 14.04 -13.07 -0.04
CA VAL B 140 14.80 -13.31 -1.25
C VAL B 140 14.39 -12.29 -2.31
N MET B 141 15.25 -12.10 -3.29
CA MET B 141 15.06 -11.08 -4.31
C MET B 141 14.36 -11.71 -5.51
N GLY B 142 13.12 -11.30 -5.75
CA GLY B 142 12.35 -11.89 -6.83
C GLY B 142 13.01 -11.69 -8.18
N THR B 143 13.64 -10.55 -8.38
CA THR B 143 14.22 -10.19 -9.66
C THR B 143 15.47 -10.99 -10.01
N LEU B 144 15.89 -11.91 -9.15
CA LEU B 144 17.07 -12.72 -9.40
C LEU B 144 16.70 -14.17 -9.61
N THR B 145 17.63 -14.92 -10.17
CA THR B 145 17.50 -16.35 -10.31
C THR B 145 17.95 -17.04 -9.03
N VAL B 146 17.29 -18.15 -8.72
CA VAL B 146 17.55 -18.90 -7.49
C VAL B 146 19.05 -19.04 -7.27
N ARG B 147 19.74 -19.59 -8.27
CA ARG B 147 21.17 -19.82 -8.13
C ARG B 147 21.91 -18.53 -7.88
N GLU B 148 21.39 -17.41 -8.38
CA GLU B 148 22.04 -16.13 -8.13
C GLU B 148 21.95 -15.74 -6.67
N ASN B 149 20.78 -15.92 -6.05
CA ASN B 149 20.65 -15.62 -4.63
C ASN B 149 21.56 -16.51 -3.80
N LEU B 150 21.56 -17.81 -4.09
CA LEU B 150 22.44 -18.71 -3.36
C LEU B 150 23.90 -18.34 -3.60
N GLN B 151 24.22 -17.86 -4.80
CA GLN B 151 25.60 -17.46 -5.10
C GLN B 151 26.00 -16.23 -4.30
N PHE B 152 25.09 -15.27 -4.16
CA PHE B 152 25.36 -14.09 -3.35
C PHE B 152 25.63 -14.48 -1.90
N SER B 153 24.78 -15.34 -1.35
CA SER B 153 24.96 -15.79 0.02
C SER B 153 26.28 -16.52 0.17
N ALA B 154 26.61 -17.40 -0.78
CA ALA B 154 27.85 -18.14 -0.72
C ALA B 154 29.05 -17.19 -0.79
N ALA B 155 28.98 -16.18 -1.66
CA ALA B 155 30.13 -15.31 -1.87
C ALA B 155 30.42 -14.48 -0.62
N LEU B 156 29.38 -13.96 0.03
CA LEU B 156 29.61 -13.10 1.18
C LEU B 156 29.80 -13.87 2.49
N ARG B 157 29.09 -14.97 2.70
CA ARG B 157 29.20 -15.70 3.95
C ARG B 157 30.46 -16.57 3.99
N LEU B 158 30.63 -17.44 3.00
CA LEU B 158 31.81 -18.28 2.96
C LEU B 158 33.07 -17.44 2.91
N ALA B 159 34.17 -18.04 3.33
CA ALA B 159 35.42 -17.30 3.47
C ALA B 159 35.95 -16.89 2.10
N THR B 160 36.78 -15.85 2.11
CA THR B 160 37.35 -15.33 0.87
C THR B 160 38.42 -16.28 0.34
N THR B 161 39.10 -17.00 1.24
CA THR B 161 40.22 -17.85 0.83
C THR B 161 39.77 -18.92 -0.16
N MET B 162 38.53 -19.39 -0.03
CA MET B 162 38.05 -20.46 -0.90
C MET B 162 37.99 -20.00 -2.35
N THR B 163 38.09 -20.96 -3.26
CA THR B 163 37.99 -20.69 -4.68
C THR B 163 36.52 -20.61 -5.09
N ASN B 164 36.29 -20.02 -6.26
CA ASN B 164 34.93 -19.96 -6.79
C ASN B 164 34.41 -21.34 -7.15
N HIS B 165 35.30 -22.23 -7.56
CA HIS B 165 34.88 -23.58 -7.92
C HIS B 165 34.28 -24.32 -6.73
N GLU B 166 34.94 -24.23 -5.58
CA GLU B 166 34.42 -24.90 -4.38
C GLU B 166 33.06 -24.34 -3.99
N LYS B 167 32.90 -23.02 -4.06
CA LYS B 167 31.62 -22.42 -3.70
C LYS B 167 30.52 -22.85 -4.66
N ASN B 168 30.84 -22.95 -5.95
CA ASN B 168 29.86 -23.44 -6.91
C ASN B 168 29.48 -24.89 -6.62
N GLU B 169 30.46 -25.71 -6.25
CA GLU B 169 30.16 -27.10 -5.90
C GLU B 169 29.24 -27.16 -4.68
N ARG B 170 29.53 -26.36 -3.67
CA ARG B 170 28.69 -26.34 -2.47
C ARG B 170 27.27 -25.92 -2.81
N ILE B 171 27.13 -24.90 -3.67
CA ILE B 171 25.80 -24.46 -4.08
C ILE B 171 25.07 -25.58 -4.80
N ASN B 172 25.77 -26.32 -5.65
CA ASN B 172 25.14 -27.44 -6.34
C ASN B 172 24.68 -28.51 -5.34
N ARG B 173 25.52 -28.79 -4.34
CA ARG B 173 25.13 -29.77 -3.32
C ARG B 173 23.86 -29.33 -2.61
N VAL B 174 23.79 -28.05 -2.22
CA VAL B 174 22.64 -27.56 -1.48
C VAL B 174 21.38 -27.64 -2.35
N ILE B 175 21.49 -27.22 -3.61
CA ILE B 175 20.34 -27.29 -4.50
C ILE B 175 19.89 -28.74 -4.66
N GLN B 176 20.84 -29.67 -4.72
CA GLN B 176 20.50 -31.08 -4.81
C GLN B 176 19.77 -31.54 -3.55
N GLU B 177 20.24 -31.13 -2.38
CA GLU B 177 19.60 -31.55 -1.14
C GLU B 177 18.16 -31.05 -1.07
N LEU B 178 17.93 -29.78 -1.41
CA LEU B 178 16.60 -29.20 -1.33
C LEU B 178 15.75 -29.48 -2.55
N GLY B 179 16.29 -30.17 -3.55
CA GLY B 179 15.52 -30.46 -4.75
C GLY B 179 15.11 -29.22 -5.51
N LEU B 180 16.00 -28.24 -5.62
CA LEU B 180 15.75 -27.03 -6.38
C LEU B 180 16.47 -27.02 -7.72
N ASP B 181 17.15 -28.12 -8.07
CA ASP B 181 17.89 -28.16 -9.32
C ASP B 181 16.98 -27.88 -10.52
N LYS B 182 15.69 -28.15 -10.39
CA LYS B 182 14.77 -27.88 -11.48
C LYS B 182 14.63 -26.38 -11.74
N VAL B 183 14.56 -25.57 -10.68
CA VAL B 183 14.40 -24.13 -10.81
C VAL B 183 15.70 -23.39 -10.54
N ALA B 184 16.85 -24.08 -10.64
CA ALA B 184 18.12 -23.42 -10.36
C ALA B 184 18.38 -22.28 -11.33
N ASP B 185 17.69 -22.27 -12.46
CA ASP B 185 17.88 -21.24 -13.49
C ASP B 185 16.58 -20.51 -13.82
N SER B 186 15.71 -20.33 -12.83
CA SER B 186 14.43 -19.67 -13.02
C SER B 186 14.33 -18.47 -12.08
N LYS B 187 13.53 -17.50 -12.48
CA LYS B 187 13.30 -16.34 -11.63
C LYS B 187 12.59 -16.76 -10.35
N VAL B 188 12.95 -16.10 -9.24
CA VAL B 188 12.40 -16.46 -7.94
C VAL B 188 11.05 -15.81 -7.67
N GLY B 189 10.58 -14.94 -8.57
CA GLY B 189 9.24 -14.42 -8.46
C GLY B 189 9.17 -12.95 -8.12
N THR B 190 8.86 -12.12 -9.13
CA THR B 190 8.71 -10.69 -8.89
C THR B 190 7.42 -10.38 -8.14
N GLN B 191 6.50 -11.35 -8.10
CA GLN B 191 5.16 -11.19 -7.54
C GLN B 191 4.29 -10.34 -8.46
N PHE B 192 4.89 -9.79 -9.53
CA PHE B 192 4.11 -9.48 -10.71
C PHE B 192 3.96 -10.73 -11.57
N ILE B 193 5.02 -11.51 -11.70
CA ILE B 193 4.99 -12.87 -12.21
C ILE B 193 5.83 -13.73 -11.27
N ARG B 194 5.49 -15.02 -11.22
CA ARG B 194 6.11 -15.95 -10.29
C ARG B 194 6.84 -17.03 -11.08
N GLY B 195 8.18 -16.94 -11.09
CA GLY B 195 8.96 -17.96 -11.76
C GLY B 195 8.91 -19.30 -11.03
N VAL B 196 8.73 -19.26 -9.71
CA VAL B 196 8.68 -20.46 -8.89
C VAL B 196 7.53 -20.33 -7.90
N SER B 197 7.13 -21.47 -7.34
CA SER B 197 6.03 -21.52 -6.39
C SER B 197 6.51 -21.12 -4.99
N GLY B 198 5.55 -20.88 -4.10
CA GLY B 198 5.89 -20.43 -2.76
C GLY B 198 6.81 -21.39 -2.04
N GLY B 199 6.53 -22.69 -2.16
CA GLY B 199 7.38 -23.67 -1.49
C GLY B 199 8.83 -23.58 -1.91
N GLU B 200 9.06 -23.29 -3.19
CA GLU B 200 10.44 -23.21 -3.68
C GLU B 200 11.11 -21.92 -3.21
N ARG B 201 10.36 -20.83 -3.06
CA ARG B 201 10.92 -19.63 -2.44
C ARG B 201 11.35 -19.92 -1.01
N LYS B 202 10.51 -20.62 -0.25
CA LYS B 202 10.88 -20.96 1.12
C LYS B 202 12.11 -21.86 1.14
N ARG B 203 12.14 -22.88 0.30
CA ARG B 203 13.31 -23.74 0.22
C ARG B 203 14.55 -22.94 -0.15
N THR B 204 14.37 -21.89 -0.95
CA THR B 204 15.52 -21.05 -1.32
C THR B 204 16.06 -20.31 -0.11
N SER B 205 15.18 -19.74 0.70
CA SER B 205 15.65 -19.09 1.93
C SER B 205 16.43 -20.08 2.79
N ILE B 206 15.87 -21.27 2.96
CA ILE B 206 16.54 -22.29 3.77
C ILE B 206 17.89 -22.64 3.17
N GLY B 207 17.97 -22.66 1.84
CA GLY B 207 19.25 -22.95 1.20
C GLY B 207 20.28 -21.85 1.46
N MET B 208 19.86 -20.60 1.37
CA MET B 208 20.76 -19.49 1.67
C MET B 208 21.36 -19.66 3.05
N GLU B 209 20.55 -20.07 4.01
CA GLU B 209 21.07 -20.29 5.36
C GLU B 209 21.94 -21.54 5.43
N LEU B 210 21.59 -22.56 4.65
CA LEU B 210 22.31 -23.84 4.68
C LEU B 210 23.66 -23.79 3.99
N ILE B 211 23.96 -22.73 3.24
CA ILE B 211 25.21 -22.71 2.49
C ILE B 211 26.41 -22.98 3.37
N THR B 212 26.49 -22.30 4.52
CA THR B 212 27.63 -22.44 5.40
C THR B 212 27.60 -23.72 6.23
N ASP B 213 26.74 -24.68 5.87
CA ASP B 213 26.66 -25.96 6.56
C ASP B 213 26.49 -25.73 8.06
N PRO B 214 25.41 -25.08 8.48
CA PRO B 214 25.24 -24.77 9.90
C PRO B 214 24.96 -26.01 10.73
N SER B 215 25.35 -25.93 12.00
CA SER B 215 25.04 -26.97 12.97
C SER B 215 23.70 -26.72 13.64
N ILE B 216 23.37 -25.47 13.90
CA ILE B 216 22.12 -25.08 14.55
C ILE B 216 21.35 -24.20 13.58
N LEU B 217 20.08 -24.54 13.38
CA LEU B 217 19.25 -23.89 12.37
C LEU B 217 17.94 -23.47 13.00
N PHE B 218 17.69 -22.17 13.05
CA PHE B 218 16.47 -21.61 13.60
C PHE B 218 15.52 -21.24 12.47
N LEU B 219 14.22 -21.41 12.73
CA LEU B 219 13.19 -21.11 11.74
C LEU B 219 12.01 -20.47 12.44
N ASP B 220 11.32 -19.57 11.74
CA ASP B 220 10.13 -18.92 12.26
C ASP B 220 8.97 -19.17 11.31
N GLU B 221 7.90 -19.75 11.84
CA GLU B 221 6.68 -20.04 11.09
C GLU B 221 7.01 -20.56 9.68
N PRO B 222 7.73 -21.67 9.58
CA PRO B 222 8.10 -22.17 8.24
C PRO B 222 6.92 -22.55 7.40
N THR B 223 5.75 -22.79 8.01
CA THR B 223 4.53 -23.16 7.30
C THR B 223 3.44 -22.18 7.70
N THR B 224 3.40 -21.04 7.00
CA THR B 224 2.36 -20.05 7.19
C THR B 224 2.12 -19.38 5.85
N GLY B 225 0.91 -19.53 5.32
CA GLY B 225 0.59 -19.13 3.98
C GLY B 225 0.79 -20.22 2.94
N LEU B 226 1.46 -21.30 3.30
CA LEU B 226 1.63 -22.43 2.40
C LEU B 226 0.40 -23.32 2.44
N ASP B 227 0.21 -24.07 1.35
CA ASP B 227 -0.83 -25.08 1.31
C ASP B 227 -0.42 -26.29 2.14
N SER B 228 -1.41 -27.12 2.46
CA SER B 228 -1.16 -28.28 3.31
C SER B 228 -0.06 -29.16 2.73
N SER B 229 -0.17 -29.48 1.44
CA SER B 229 0.83 -30.35 0.81
C SER B 229 2.21 -29.71 0.85
N THR B 230 2.29 -28.43 0.52
CA THR B 230 3.58 -27.75 0.53
C THR B 230 4.18 -27.74 1.93
N ALA B 231 3.36 -27.48 2.94
CA ALA B 231 3.84 -27.46 4.31
C ALA B 231 4.35 -28.84 4.73
N ASN B 232 3.61 -29.89 4.38
CA ASN B 232 4.07 -31.23 4.71
C ASN B 232 5.40 -31.53 4.04
N ALA B 233 5.55 -31.13 2.78
CA ALA B 233 6.80 -31.38 2.07
C ALA B 233 7.96 -30.66 2.75
N VAL B 234 7.74 -29.41 3.14
CA VAL B 234 8.79 -28.64 3.78
C VAL B 234 9.22 -29.30 5.09
N LEU B 235 8.24 -29.70 5.90
CA LEU B 235 8.57 -30.27 7.20
C LEU B 235 9.21 -31.65 7.06
N LEU B 236 8.80 -32.41 6.06
CA LEU B 236 9.48 -33.68 5.78
C LEU B 236 10.92 -33.43 5.37
N LEU B 237 11.16 -32.37 4.60
CA LEU B 237 12.53 -32.00 4.26
C LEU B 237 13.34 -31.69 5.52
N LEU B 238 12.74 -30.94 6.45
CA LEU B 238 13.44 -30.62 7.68
C LEU B 238 13.72 -31.87 8.48
N LYS B 239 12.80 -32.83 8.47
CA LYS B 239 13.05 -34.09 9.16
C LYS B 239 14.23 -34.82 8.54
N ARG B 240 14.32 -34.83 7.21
CA ARG B 240 15.48 -35.43 6.55
C ARG B 240 16.76 -34.74 6.97
N MET B 241 16.75 -33.40 7.02
CA MET B 241 17.94 -32.67 7.43
C MET B 241 18.32 -33.01 8.87
N SER B 242 17.34 -33.14 9.75
CA SER B 242 17.60 -33.44 11.14
C SER B 242 18.15 -34.86 11.34
N LYS B 243 17.72 -35.80 10.49
CA LYS B 243 18.24 -37.15 10.60
C LYS B 243 19.75 -37.19 10.42
N GLN B 244 20.32 -36.18 9.78
CA GLN B 244 21.76 -36.10 9.56
C GLN B 244 22.52 -35.61 10.78
N GLY B 245 21.83 -35.19 11.84
CA GLY B 245 22.47 -34.70 13.04
C GLY B 245 22.42 -33.20 13.23
N ARG B 246 21.56 -32.51 12.49
CA ARG B 246 21.48 -31.05 12.55
C ARG B 246 20.30 -30.64 13.43
N THR B 247 20.60 -29.89 14.49
CA THR B 247 19.56 -29.45 15.42
C THR B 247 18.71 -28.39 14.73
N ILE B 248 17.41 -28.67 14.62
CA ILE B 248 16.47 -27.74 14.02
C ILE B 248 15.54 -27.23 15.12
N ILE B 249 15.29 -25.93 15.11
CA ILE B 249 14.45 -25.26 16.10
C ILE B 249 13.50 -24.34 15.35
N PHE B 250 12.21 -24.44 15.64
CA PHE B 250 11.25 -23.69 14.87
C PHE B 250 9.97 -23.47 15.65
N SER B 251 9.15 -22.56 15.14
CA SER B 251 7.85 -22.23 15.68
C SER B 251 6.80 -22.40 14.60
N ILE B 252 5.60 -22.82 15.00
CA ILE B 252 4.53 -23.13 14.05
C ILE B 252 3.21 -22.59 14.60
N HIS B 253 2.21 -22.61 13.73
CA HIS B 253 0.85 -22.18 14.06
C HIS B 253 -0.10 -23.32 13.71
N GLN B 254 -0.80 -23.84 14.72
CA GLN B 254 -1.81 -24.88 14.57
C GLN B 254 -1.38 -25.92 13.54
N PRO B 255 -0.39 -26.74 13.86
CA PRO B 255 0.04 -27.78 12.92
C PRO B 255 -0.99 -28.90 12.80
N ARG B 256 -0.90 -29.61 11.69
CA ARG B 256 -1.67 -30.82 11.49
C ARG B 256 -1.01 -32.00 12.20
N TYR B 257 -1.81 -33.03 12.48
CA TYR B 257 -1.28 -34.16 13.24
C TYR B 257 -0.25 -34.95 12.44
N SER B 258 -0.35 -34.94 11.11
CA SER B 258 0.69 -35.55 10.31
C SER B 258 2.02 -34.87 10.56
N ILE B 259 2.01 -33.54 10.68
CA ILE B 259 3.20 -32.80 11.05
C ILE B 259 3.58 -33.08 12.49
N PHE B 260 2.62 -32.98 13.41
CA PHE B 260 2.91 -33.15 14.82
C PHE B 260 3.49 -34.52 15.13
N LYS B 261 3.22 -35.49 14.26
CA LYS B 261 3.72 -36.84 14.46
C LYS B 261 5.23 -36.93 14.30
N LEU B 262 5.86 -35.88 13.78
CA LEU B 262 7.27 -35.92 13.40
C LEU B 262 8.20 -35.28 14.42
N PHE B 263 7.67 -34.58 15.43
CA PHE B 263 8.51 -33.84 16.33
C PHE B 263 9.32 -34.76 17.23
N ASP B 264 10.32 -34.17 17.88
CA ASP B 264 11.15 -34.85 18.87
C ASP B 264 11.13 -34.17 20.22
N SER B 265 10.81 -32.88 20.26
CA SER B 265 10.67 -32.14 21.50
C SER B 265 9.61 -31.07 21.30
N LEU B 266 8.95 -30.68 22.39
CA LEU B 266 7.87 -29.71 22.34
C LEU B 266 8.08 -28.68 23.44
N THR B 267 7.72 -27.44 23.13
CA THR B 267 7.82 -26.31 24.06
C THR B 267 6.55 -25.48 23.89
N LEU B 268 5.67 -25.57 24.87
CA LEU B 268 4.38 -24.90 24.78
C LEU B 268 4.38 -23.64 25.64
N LEU B 269 4.14 -22.50 25.00
CA LEU B 269 4.22 -21.20 25.65
C LEU B 269 2.90 -20.47 25.53
N ALA B 270 2.44 -19.90 26.64
CA ALA B 270 1.25 -19.06 26.66
C ALA B 270 1.47 -17.92 27.63
N SER B 271 1.13 -16.71 27.20
CA SER B 271 1.32 -15.50 28.01
C SER B 271 2.69 -15.50 28.69
N GLY B 272 3.70 -15.92 27.94
CA GLY B 272 5.06 -15.91 28.44
C GLY B 272 5.34 -16.86 29.58
N ARG B 273 4.74 -18.05 29.55
CA ARG B 273 4.98 -19.05 30.56
C ARG B 273 5.11 -20.41 29.92
N LEU B 274 5.82 -21.30 30.62
CA LEU B 274 6.16 -22.62 30.09
C LEU B 274 5.12 -23.63 30.58
N MET B 275 4.12 -23.90 29.74
CA MET B 275 3.14 -24.91 30.07
C MET B 275 3.73 -26.31 30.03
N PHE B 276 4.57 -26.58 29.03
CA PHE B 276 5.14 -27.91 28.87
C PHE B 276 6.49 -27.80 28.16
N HIS B 277 7.39 -28.71 28.54
CA HIS B 277 8.63 -28.92 27.78
C HIS B 277 9.03 -30.38 27.97
N GLY B 278 9.04 -31.12 26.86
CA GLY B 278 9.45 -32.50 26.87
C GLY B 278 9.17 -33.15 25.54
N PRO B 279 9.36 -34.46 25.48
CA PRO B 279 9.04 -35.20 24.25
C PRO B 279 7.60 -34.96 23.81
N ALA B 280 7.41 -34.75 22.51
CA ALA B 280 6.09 -34.44 22.01
C ALA B 280 5.14 -35.61 22.19
N GLN B 281 5.63 -36.82 21.96
CA GLN B 281 4.76 -38.00 22.03
C GLN B 281 4.15 -38.14 23.42
N GLU B 282 4.83 -37.65 24.45
CA GLU B 282 4.38 -37.80 25.83
C GLU B 282 3.58 -36.63 26.34
N ALA B 283 3.45 -35.56 25.54
CA ALA B 283 2.67 -34.40 26.00
C ALA B 283 1.22 -34.77 26.22
N LEU B 284 0.67 -35.58 25.33
CA LEU B 284 -0.71 -36.03 25.48
C LEU B 284 -0.90 -36.80 26.78
N GLY B 285 0.04 -37.69 27.09
CA GLY B 285 -0.02 -38.41 28.36
C GLY B 285 0.04 -37.47 29.54
N TYR B 286 0.90 -36.47 29.48
CA TYR B 286 1.01 -35.52 30.58
C TYR B 286 -0.32 -34.80 30.81
N PHE B 287 -0.92 -34.28 29.75
CA PHE B 287 -2.17 -33.55 29.91
C PHE B 287 -3.29 -34.48 30.36
N GLU B 288 -3.37 -35.68 29.79
CA GLU B 288 -4.38 -36.63 30.24
C GLU B 288 -4.22 -36.93 31.73
N SER B 289 -2.98 -37.04 32.20
CA SER B 289 -2.75 -37.19 33.63
C SER B 289 -3.25 -35.97 34.38
N ALA B 290 -3.13 -34.78 33.78
CA ALA B 290 -3.67 -33.59 34.41
C ALA B 290 -5.18 -33.63 34.53
N GLY B 291 -5.85 -34.48 33.75
CA GLY B 291 -7.29 -34.61 33.76
C GLY B 291 -7.95 -34.29 32.44
N TYR B 292 -7.39 -33.35 31.68
CA TYR B 292 -7.99 -32.97 30.39
C TYR B 292 -7.81 -34.12 29.40
N HIS B 293 -8.90 -34.52 28.76
CA HIS B 293 -8.90 -35.65 27.84
C HIS B 293 -9.24 -35.17 26.44
N CYS B 294 -8.70 -35.86 25.44
CA CYS B 294 -8.86 -35.50 24.05
C CYS B 294 -9.73 -36.52 23.34
N GLU B 295 -10.84 -36.05 22.77
CA GLU B 295 -11.67 -36.91 21.95
C GLU B 295 -10.95 -37.25 20.65
N ALA B 296 -11.19 -38.45 20.15
CA ALA B 296 -10.63 -38.82 18.87
C ALA B 296 -11.11 -37.87 17.79
N TYR B 297 -10.46 -37.94 16.63
CA TYR B 297 -10.72 -37.08 15.48
C TYR B 297 -10.42 -35.61 15.77
N ASN B 298 -9.74 -35.32 16.87
CA ASN B 298 -9.33 -33.96 17.22
C ASN B 298 -7.81 -33.90 17.23
N ASN B 299 -7.26 -32.90 16.56
CA ASN B 299 -5.81 -32.77 16.49
C ASN B 299 -5.26 -32.45 17.87
N PRO B 300 -4.28 -33.20 18.37
CA PRO B 300 -3.76 -32.91 19.72
C PRO B 300 -3.22 -31.49 19.87
N ALA B 301 -2.65 -30.93 18.81
CA ALA B 301 -2.18 -29.55 18.90
C ALA B 301 -3.32 -28.60 19.22
N ASP B 302 -4.43 -28.73 18.51
CA ASP B 302 -5.61 -27.92 18.83
C ASP B 302 -6.11 -28.23 20.23
N PHE B 303 -5.96 -29.48 20.67
CA PHE B 303 -6.37 -29.84 22.02
C PHE B 303 -5.56 -29.08 23.07
N PHE B 304 -4.25 -28.99 22.87
CA PHE B 304 -3.41 -28.22 23.77
C PHE B 304 -3.81 -26.75 23.75
N LEU B 305 -4.05 -26.20 22.57
CA LEU B 305 -4.42 -24.79 22.47
C LEU B 305 -5.76 -24.54 23.15
N ASP B 306 -6.71 -25.47 23.03
CA ASP B 306 -7.97 -25.35 23.75
C ASP B 306 -7.74 -25.33 25.25
N ILE B 307 -6.93 -26.27 25.74
CA ILE B 307 -6.66 -26.32 27.18
C ILE B 307 -6.10 -25.00 27.66
N ILE B 308 -5.21 -24.39 26.87
CA ILE B 308 -4.66 -23.09 27.24
C ILE B 308 -5.75 -22.03 27.24
N ASN B 309 -6.59 -22.02 26.19
CA ASN B 309 -7.61 -20.99 26.07
C ASN B 309 -8.70 -21.11 27.12
N GLY B 310 -8.75 -22.22 27.85
CA GLY B 310 -9.81 -22.47 28.80
C GLY B 310 -11.02 -23.16 28.24
N ASP B 311 -11.05 -23.42 26.93
CA ASP B 311 -12.17 -24.11 26.31
C ASP B 311 -12.16 -25.59 26.67
N PRO B 337 -5.73 -17.16 37.25
CA PRO B 337 -6.25 -17.57 35.95
C PRO B 337 -5.84 -19.00 35.57
N LEU B 338 -6.38 -19.49 34.46
CA LEU B 338 -6.14 -20.87 34.07
C LEU B 338 -4.68 -21.11 33.72
N ILE B 339 -4.05 -20.17 33.02
CA ILE B 339 -2.70 -20.38 32.50
C ILE B 339 -1.72 -20.61 33.64
N GLU B 340 -1.78 -19.78 34.67
CA GLU B 340 -0.88 -19.94 35.81
C GLU B 340 -1.06 -21.31 36.45
N LYS B 341 -2.29 -21.81 36.46
CA LYS B 341 -2.54 -23.14 37.00
C LYS B 341 -1.76 -24.20 36.23
N LEU B 342 -1.79 -24.12 34.90
CA LEU B 342 -1.03 -25.06 34.08
C LEU B 342 0.46 -24.95 34.34
N ALA B 343 0.97 -23.73 34.50
CA ALA B 343 2.39 -23.57 34.81
C ALA B 343 2.74 -24.25 36.13
N GLU B 344 1.88 -24.08 37.15
CA GLU B 344 2.11 -24.74 38.42
C GLU B 344 2.17 -26.26 38.23
N ILE B 345 1.22 -26.80 37.48
CA ILE B 345 1.21 -28.24 37.22
C ILE B 345 2.54 -28.67 36.62
N TYR B 346 3.02 -27.94 35.61
CA TYR B 346 4.25 -28.33 34.95
C TYR B 346 5.42 -28.32 35.92
N VAL B 347 5.51 -27.28 36.75
CA VAL B 347 6.61 -27.22 37.71
C VAL B 347 6.56 -28.42 38.64
N ASN B 348 5.36 -28.90 38.95
CA ASN B 348 5.25 -30.09 39.79
C ASN B 348 5.57 -31.36 39.02
N SER B 349 5.63 -31.27 37.69
CA SER B 349 5.77 -32.44 36.83
C SER B 349 7.12 -33.11 36.99
N SER B 350 7.21 -34.37 36.54
CA SER B 350 8.48 -35.08 36.51
C SER B 350 9.40 -34.56 35.42
N PHE B 351 8.84 -34.20 34.27
CA PHE B 351 9.65 -33.70 33.17
C PHE B 351 10.47 -32.49 33.59
N TYR B 352 9.85 -31.58 34.33
CA TYR B 352 10.56 -30.39 34.79
C TYR B 352 11.73 -30.77 35.70
N LYS B 353 11.50 -31.71 36.61
CA LYS B 353 12.58 -32.11 37.52
C LYS B 353 13.73 -32.73 36.74
N GLU B 354 13.42 -33.60 35.78
CA GLU B 354 14.47 -34.23 35.00
C GLU B 354 15.25 -33.20 34.21
N THR B 355 14.54 -32.26 33.57
CA THR B 355 15.20 -31.23 32.79
C THR B 355 16.06 -30.34 33.67
N LYS B 356 15.58 -30.00 34.85
CA LYS B 356 16.34 -29.16 35.77
C LYS B 356 17.62 -29.86 36.21
N ALA B 357 17.53 -31.16 36.51
CA ALA B 357 18.72 -31.91 36.88
C ALA B 357 19.72 -31.93 35.74
N GLU B 358 19.25 -32.15 34.52
CA GLU B 358 20.15 -32.15 33.37
C GLU B 358 20.80 -30.79 33.19
N LEU B 359 20.04 -29.72 33.39
CA LEU B 359 20.59 -28.37 33.22
C LEU B 359 21.66 -28.10 34.26
N HIS B 360 21.42 -28.47 35.52
CA HIS B 360 22.43 -28.26 36.55
C HIS B 360 23.67 -29.10 36.26
N GLN B 361 23.48 -30.30 35.71
CA GLN B 361 24.62 -31.11 35.33
C GLN B 361 25.45 -30.43 34.24
N LEU B 362 24.78 -29.89 33.22
CA LEU B 362 25.50 -29.18 32.17
C LEU B 362 26.23 -27.96 32.72
N SER B 363 25.55 -27.19 33.58
CA SER B 363 26.18 -26.00 34.15
C SER B 363 27.37 -26.36 35.03
N GLY B 364 27.33 -27.54 35.64
CA GLY B 364 28.38 -27.99 36.54
C GLY B 364 29.78 -27.51 36.22
N TYR B 379 34.80 -9.08 10.17
CA TYR B 379 34.10 -9.72 9.05
C TYR B 379 35.07 -10.56 8.22
N THR B 380 34.53 -11.62 7.61
CA THR B 380 35.37 -12.50 6.80
C THR B 380 35.96 -11.77 5.60
N THR B 381 35.12 -11.06 4.86
CA THR B 381 35.49 -10.51 3.57
C THR B 381 35.98 -9.07 3.69
N SER B 382 36.67 -8.63 2.64
CA SER B 382 37.16 -7.26 2.58
C SER B 382 36.05 -6.33 2.10
N PHE B 383 36.27 -5.04 2.29
CA PHE B 383 35.25 -4.05 1.96
C PHE B 383 34.94 -4.05 0.47
N CYS B 384 35.97 -4.10 -0.36
CA CYS B 384 35.76 -4.04 -1.81
C CYS B 384 34.90 -5.21 -2.28
N HIS B 385 35.11 -6.39 -1.72
CA HIS B 385 34.34 -7.56 -2.13
C HIS B 385 32.86 -7.39 -1.80
N GLN B 386 32.56 -6.92 -0.59
CA GLN B 386 31.17 -6.67 -0.22
C GLN B 386 30.54 -5.65 -1.14
N LEU B 387 31.27 -4.57 -1.43
CA LEU B 387 30.75 -3.52 -2.28
C LEU B 387 30.46 -4.05 -3.68
N ARG B 388 31.38 -4.83 -4.23
CA ARG B 388 31.20 -5.39 -5.56
C ARG B 388 29.94 -6.24 -5.63
N TRP B 389 29.76 -7.14 -4.65
CA TRP B 389 28.65 -8.08 -4.74
C TRP B 389 27.31 -7.41 -4.50
N VAL B 390 27.23 -6.53 -3.51
CA VAL B 390 25.95 -5.86 -3.27
C VAL B 390 25.58 -4.96 -4.44
N SER B 391 26.58 -4.30 -5.03
CA SER B 391 26.30 -3.47 -6.20
C SER B 391 25.80 -4.31 -7.36
N LYS B 392 26.40 -5.48 -7.57
CA LYS B 392 25.94 -6.36 -8.65
C LYS B 392 24.49 -6.76 -8.43
N ARG B 393 24.15 -7.16 -7.20
CA ARG B 393 22.78 -7.57 -6.93
C ARG B 393 21.82 -6.41 -7.14
N SER B 394 22.20 -5.20 -6.71
CA SER B 394 21.33 -4.05 -6.87
C SER B 394 21.11 -3.74 -8.35
N PHE B 395 22.15 -3.84 -9.17
CA PHE B 395 21.98 -3.54 -10.59
C PHE B 395 21.11 -4.59 -11.27
N LYS B 396 21.27 -5.87 -10.90
CA LYS B 396 20.40 -6.89 -11.45
C LYS B 396 18.95 -6.61 -11.11
N ASN B 397 18.67 -6.21 -9.87
CA ASN B 397 17.31 -5.84 -9.52
C ASN B 397 16.84 -4.63 -10.32
N LEU B 398 17.73 -3.65 -10.51
CA LEU B 398 17.35 -2.44 -11.23
C LEU B 398 16.93 -2.78 -12.65
N LEU B 399 17.69 -3.63 -13.33
CA LEU B 399 17.34 -4.05 -14.67
C LEU B 399 16.08 -4.91 -14.69
N GLY B 400 15.97 -5.84 -13.74
CA GLY B 400 14.85 -6.78 -13.75
C GLY B 400 13.51 -6.09 -13.57
N ASN B 401 13.49 -4.98 -12.84
CA ASN B 401 12.26 -4.22 -12.63
C ASN B 401 12.28 -3.00 -13.54
N PRO B 402 11.62 -3.05 -14.71
CA PRO B 402 11.75 -1.95 -15.66
C PRO B 402 10.79 -0.80 -15.43
N GLN B 403 9.75 -0.99 -14.62
CA GLN B 403 8.71 0.02 -14.44
C GLN B 403 9.31 1.39 -14.13
N ALA B 404 10.03 1.49 -13.02
CA ALA B 404 10.50 2.78 -12.56
C ALA B 404 11.47 3.41 -13.56
N SER B 405 12.49 2.65 -13.97
CA SER B 405 13.52 3.20 -14.85
C SER B 405 12.93 3.61 -16.19
N ILE B 406 12.21 2.69 -16.85
CA ILE B 406 11.72 2.97 -18.19
C ILE B 406 10.72 4.12 -18.16
N ALA B 407 9.84 4.14 -17.17
CA ALA B 407 8.90 5.25 -17.07
C ALA B 407 9.64 6.57 -16.91
N GLN B 408 10.69 6.57 -16.09
CA GLN B 408 11.48 7.77 -15.91
C GLN B 408 12.03 8.28 -17.24
N ILE B 409 12.70 7.39 -17.99
CA ILE B 409 13.32 7.80 -19.24
C ILE B 409 12.26 8.29 -20.22
N ILE B 410 11.15 7.57 -20.33
CA ILE B 410 10.12 7.92 -21.31
C ILE B 410 9.51 9.28 -20.97
N VAL B 411 9.18 9.50 -19.69
CA VAL B 411 8.61 10.77 -19.30
C VAL B 411 9.59 11.90 -19.56
N THR B 412 10.86 11.67 -19.26
CA THR B 412 11.88 12.70 -19.49
C THR B 412 11.95 13.07 -20.96
N VAL B 413 11.97 12.07 -21.84
CA VAL B 413 12.07 12.34 -23.27
C VAL B 413 10.86 13.11 -23.75
N VAL B 414 9.66 12.68 -23.34
CA VAL B 414 8.44 13.33 -23.79
C VAL B 414 8.43 14.79 -23.34
N LEU B 415 8.80 15.04 -22.08
CA LEU B 415 8.86 16.41 -21.60
C LEU B 415 9.87 17.23 -22.39
N GLY B 416 11.02 16.64 -22.69
CA GLY B 416 12.02 17.36 -23.45
C GLY B 416 11.50 17.78 -24.81
N LEU B 417 10.83 16.86 -25.51
CA LEU B 417 10.34 17.19 -26.84
C LEU B 417 9.23 18.23 -26.78
N VAL B 418 8.32 18.10 -25.81
CA VAL B 418 7.23 19.06 -25.68
C VAL B 418 7.78 20.44 -25.39
N ILE B 419 8.72 20.54 -24.46
CA ILE B 419 9.31 21.82 -24.12
C ILE B 419 10.07 22.40 -25.30
N GLY B 420 10.73 21.55 -26.07
CA GLY B 420 11.40 22.04 -27.27
C GLY B 420 10.43 22.59 -28.28
N ALA B 421 9.28 21.96 -28.43
CA ALA B 421 8.28 22.44 -29.38
C ALA B 421 7.68 23.76 -28.92
N ILE B 422 7.33 23.84 -27.64
CA ILE B 422 6.65 25.02 -27.12
C ILE B 422 7.58 26.24 -27.15
N TYR B 423 8.79 26.09 -26.62
CA TYR B 423 9.75 27.18 -26.53
C TYR B 423 10.63 27.26 -27.77
N PHE B 424 10.22 26.66 -28.87
CA PHE B 424 11.10 26.58 -30.04
C PHE B 424 11.46 27.97 -30.54
N GLY B 425 12.73 28.16 -30.86
CA GLY B 425 13.20 29.40 -31.43
C GLY B 425 13.01 30.60 -30.54
N LEU B 426 13.72 30.63 -29.42
CA LEU B 426 13.67 31.79 -28.54
C LEU B 426 14.23 33.01 -29.26
N LYS B 427 13.57 34.15 -29.05
CA LYS B 427 13.90 35.37 -29.75
C LYS B 427 14.42 36.42 -28.78
N ASN B 428 15.35 37.23 -29.27
CA ASN B 428 15.92 38.32 -28.47
C ASN B 428 15.01 39.55 -28.61
N ASP B 429 13.81 39.42 -28.07
CA ASP B 429 12.84 40.50 -28.08
C ASP B 429 12.21 40.60 -26.70
N SER B 430 11.11 41.35 -26.61
CA SER B 430 10.51 41.63 -25.31
C SER B 430 10.17 40.35 -24.55
N THR B 431 9.81 39.29 -25.26
CA THR B 431 9.37 38.06 -24.62
C THR B 431 10.48 37.04 -24.41
N GLY B 432 11.73 37.38 -24.76
CA GLY B 432 12.80 36.43 -24.57
C GLY B 432 13.10 36.15 -23.12
N ILE B 433 13.11 37.20 -22.29
CA ILE B 433 13.45 37.04 -20.88
C ILE B 433 12.46 36.11 -20.21
N GLN B 434 11.18 36.35 -20.44
CA GLN B 434 10.13 35.56 -19.81
C GLN B 434 10.28 34.08 -20.14
N ASN B 435 10.40 33.76 -21.43
CA ASN B 435 10.46 32.37 -21.84
C ASN B 435 11.73 31.69 -21.33
N ARG B 436 12.87 32.38 -21.43
CA ARG B 436 14.11 31.78 -20.97
C ARG B 436 14.05 31.44 -19.49
N ALA B 437 13.67 32.42 -18.67
CA ALA B 437 13.57 32.17 -17.23
C ALA B 437 12.58 31.06 -16.95
N GLY B 438 11.47 31.04 -17.67
CA GLY B 438 10.46 30.03 -17.42
C GLY B 438 10.97 28.62 -17.68
N VAL B 439 11.63 28.42 -18.81
CA VAL B 439 12.09 27.08 -19.14
C VAL B 439 13.16 26.62 -18.15
N LEU B 440 14.08 27.51 -17.79
CA LEU B 440 15.11 27.12 -16.84
C LEU B 440 14.51 26.76 -15.49
N PHE B 441 13.53 27.54 -15.04
CA PHE B 441 12.84 27.24 -13.80
C PHE B 441 12.15 25.89 -13.87
N PHE B 442 11.51 25.61 -15.01
CA PHE B 442 10.79 24.35 -15.16
C PHE B 442 11.74 23.17 -15.09
N LEU B 443 12.86 23.24 -15.80
CA LEU B 443 13.82 22.14 -15.78
C LEU B 443 14.32 21.89 -14.36
N THR B 444 14.68 22.97 -13.66
CA THR B 444 15.19 22.84 -12.31
C THR B 444 14.16 22.18 -11.39
N THR B 445 12.92 22.66 -11.42
CA THR B 445 11.91 22.10 -10.55
C THR B 445 11.59 20.66 -10.93
N ASN B 446 11.65 20.32 -12.21
CA ASN B 446 11.39 18.95 -12.61
C ASN B 446 12.46 18.01 -12.05
N GLN B 447 13.71 18.46 -12.05
CA GLN B 447 14.76 17.65 -11.44
C GLN B 447 14.53 17.50 -9.95
N CYS B 448 14.13 18.56 -9.26
CA CYS B 448 13.95 18.48 -7.82
C CYS B 448 12.76 17.60 -7.45
N PHE B 449 11.62 17.83 -8.10
CA PHE B 449 10.38 17.14 -7.74
C PHE B 449 10.31 15.72 -8.25
N SER B 450 11.16 15.35 -9.21
CA SER B 450 11.21 13.98 -9.69
C SER B 450 12.08 13.09 -8.83
N SER B 451 12.68 13.64 -7.77
CA SER B 451 13.57 12.89 -6.89
C SER B 451 12.90 12.48 -5.59
N VAL B 452 11.61 12.77 -5.43
CA VAL B 452 10.86 12.25 -4.28
C VAL B 452 10.58 10.77 -4.41
N SER B 453 11.01 10.15 -5.50
CA SER B 453 10.91 8.71 -5.69
C SER B 453 12.16 7.99 -5.18
N ALA B 454 13.10 8.71 -4.59
CA ALA B 454 14.28 8.10 -3.98
C ALA B 454 14.03 7.67 -2.55
N VAL B 455 12.92 8.06 -1.95
CA VAL B 455 12.59 7.60 -0.61
C VAL B 455 12.49 6.09 -0.58
N GLU B 456 12.04 5.49 -1.68
CA GLU B 456 11.84 4.05 -1.76
C GLU B 456 13.14 3.26 -1.83
N LEU B 457 14.28 3.93 -1.96
CA LEU B 457 15.53 3.21 -2.13
C LEU B 457 15.85 2.35 -0.92
N PHE B 458 15.80 2.94 0.28
CA PHE B 458 16.08 2.23 1.51
C PHE B 458 14.83 1.83 2.28
N VAL B 459 13.71 2.50 2.04
CA VAL B 459 12.47 2.16 2.73
C VAL B 459 12.04 0.74 2.38
N VAL B 460 12.14 0.38 1.10
CA VAL B 460 11.60 -0.89 0.64
C VAL B 460 12.39 -2.07 1.21
N GLU B 461 13.71 -1.92 1.34
CA GLU B 461 14.59 -3.02 1.68
C GLU B 461 15.13 -2.89 3.10
N LYS B 462 14.27 -2.43 4.02
CA LYS B 462 14.70 -2.29 5.41
C LYS B 462 14.86 -3.66 6.06
N LYS B 463 13.88 -4.54 5.89
CA LYS B 463 13.92 -5.84 6.54
C LYS B 463 15.12 -6.66 6.06
N LEU B 464 15.34 -6.66 4.75
CA LEU B 464 16.46 -7.41 4.19
C LEU B 464 17.79 -6.88 4.70
N PHE B 465 17.95 -5.55 4.73
CA PHE B 465 19.18 -4.96 5.22
C PHE B 465 19.45 -5.36 6.67
N ILE B 466 18.42 -5.27 7.50
CA ILE B 466 18.58 -5.63 8.91
C ILE B 466 18.98 -7.09 9.04
N HIS B 467 18.28 -7.97 8.32
CA HIS B 467 18.55 -9.39 8.44
C HIS B 467 19.98 -9.71 8.05
N GLU B 468 20.43 -9.17 6.92
CA GLU B 468 21.76 -9.53 6.43
C GLU B 468 22.86 -8.87 7.25
N TYR B 469 22.58 -7.71 7.85
CA TYR B 469 23.57 -7.11 8.72
C TYR B 469 23.74 -7.92 10.00
N ILE B 470 22.65 -8.33 10.61
CA ILE B 470 22.74 -9.16 11.80
C ILE B 470 23.44 -10.47 11.48
N SER B 471 23.10 -11.07 10.34
CA SER B 471 23.66 -12.37 9.98
C SER B 471 25.14 -12.27 9.59
N GLY B 472 25.67 -11.06 9.44
CA GLY B 472 27.08 -10.88 9.19
C GLY B 472 27.48 -10.82 7.73
N TYR B 473 26.54 -10.63 6.81
CA TYR B 473 26.88 -10.60 5.40
C TYR B 473 27.86 -9.46 5.10
N TYR B 474 27.50 -8.24 5.50
CA TYR B 474 28.23 -7.06 5.08
C TYR B 474 28.13 -5.98 6.14
N ARG B 475 29.01 -5.00 6.02
CA ARG B 475 28.93 -3.80 6.83
C ARG B 475 27.84 -2.88 6.28
N VAL B 476 27.54 -1.84 7.05
CA VAL B 476 26.57 -0.85 6.60
C VAL B 476 27.20 0.14 5.63
N SER B 477 28.49 0.40 5.75
CA SER B 477 29.18 1.28 4.81
C SER B 477 29.11 0.73 3.40
N SER B 478 29.41 -0.56 3.24
CA SER B 478 29.40 -1.17 1.92
C SER B 478 28.00 -1.18 1.34
N TYR B 479 26.99 -1.50 2.15
CA TYR B 479 25.62 -1.44 1.68
C TYR B 479 25.29 -0.04 1.16
N PHE B 480 25.61 0.97 1.96
CA PHE B 480 25.29 2.34 1.59
C PHE B 480 25.94 2.72 0.26
N LEU B 481 27.26 2.55 0.17
CA LEU B 481 27.96 2.99 -1.02
C LEU B 481 27.57 2.18 -2.25
N GLY B 482 27.42 0.87 -2.11
CA GLY B 482 27.02 0.06 -3.24
C GLY B 482 25.63 0.40 -3.74
N LYS B 483 24.69 0.59 -2.81
CA LYS B 483 23.33 0.93 -3.20
C LYS B 483 23.29 2.27 -3.93
N LEU B 484 23.99 3.27 -3.39
CA LEU B 484 24.07 4.56 -4.08
C LEU B 484 24.68 4.39 -5.46
N LEU B 485 25.83 3.74 -5.52
CA LEU B 485 26.60 3.65 -6.75
C LEU B 485 25.86 2.88 -7.82
N SER B 486 24.88 2.07 -7.43
CA SER B 486 24.17 1.26 -8.40
C SER B 486 22.84 1.88 -8.82
N ASP B 487 22.10 2.46 -7.86
CA ASP B 487 20.76 2.96 -8.13
C ASP B 487 20.71 4.48 -8.31
N LEU B 488 21.27 5.23 -7.36
CA LEU B 488 21.08 6.67 -7.34
C LEU B 488 21.89 7.36 -8.44
N LEU B 489 23.11 6.89 -8.67
CA LEU B 489 24.00 7.61 -9.60
C LEU B 489 23.48 7.61 -11.02
N PRO B 490 23.27 6.48 -11.68
CA PRO B 490 22.98 6.49 -13.12
C PRO B 490 21.60 7.05 -13.47
N MET B 491 20.58 6.62 -12.73
CA MET B 491 19.21 7.00 -13.05
C MET B 491 18.90 8.45 -12.68
N ARG B 492 19.76 9.09 -11.90
CA ARG B 492 19.65 10.52 -11.67
C ARG B 492 20.54 11.32 -12.60
N MET B 493 21.59 10.70 -13.16
CA MET B 493 22.44 11.39 -14.10
C MET B 493 21.83 11.43 -15.50
N LEU B 494 21.09 10.39 -15.87
CA LEU B 494 20.56 10.30 -17.23
C LEU B 494 19.60 11.43 -17.58
N PRO B 495 18.57 11.73 -16.78
CA PRO B 495 17.59 12.73 -17.21
C PRO B 495 18.20 14.06 -17.57
N SER B 496 19.24 14.49 -16.87
CA SER B 496 19.88 15.76 -17.21
C SER B 496 20.43 15.72 -18.63
N ILE B 497 21.12 14.64 -18.98
CA ILE B 497 21.69 14.51 -20.32
C ILE B 497 20.59 14.51 -21.37
N ILE B 498 19.52 13.75 -21.13
CA ILE B 498 18.43 13.70 -22.09
C ILE B 498 17.84 15.10 -22.29
N PHE B 499 17.52 15.77 -21.19
CA PHE B 499 16.91 17.09 -21.27
C PHE B 499 17.78 18.04 -22.07
N THR B 500 19.06 18.13 -21.73
CA THR B 500 19.93 19.10 -22.41
C THR B 500 20.08 18.77 -23.88
N CYS B 501 20.43 17.52 -24.21
CA CYS B 501 20.64 17.18 -25.61
C CYS B 501 19.40 17.49 -26.44
N ILE B 502 18.21 17.28 -25.87
CA ILE B 502 16.99 17.48 -26.63
C ILE B 502 16.69 18.97 -26.78
N VAL B 503 16.77 19.73 -25.69
CA VAL B 503 16.20 21.07 -25.69
C VAL B 503 17.21 22.09 -26.18
N TYR B 504 18.49 21.92 -25.84
CA TYR B 504 19.44 23.01 -25.98
C TYR B 504 19.49 23.56 -27.40
N PHE B 505 19.26 22.72 -28.40
CA PHE B 505 19.38 23.16 -29.79
C PHE B 505 18.03 23.51 -30.38
N MET B 506 16.97 22.81 -29.97
CA MET B 506 15.63 23.20 -30.39
C MET B 506 15.29 24.59 -29.90
N LEU B 507 15.70 24.91 -28.68
CA LEU B 507 15.38 26.19 -28.04
C LEU B 507 16.26 27.33 -28.51
N GLY B 508 17.39 27.05 -29.13
CA GLY B 508 18.27 28.12 -29.56
C GLY B 508 18.88 28.89 -28.41
N LEU B 509 19.36 28.18 -27.40
CA LEU B 509 20.09 28.81 -26.31
C LEU B 509 21.52 29.06 -26.78
N LYS B 510 22.40 29.41 -25.85
CA LYS B 510 23.74 29.84 -26.23
C LYS B 510 24.43 28.77 -27.06
N PRO B 511 25.15 29.15 -28.13
CA PRO B 511 25.76 28.14 -29.01
C PRO B 511 27.09 27.58 -28.54
N LYS B 512 27.68 28.14 -27.49
CA LYS B 512 28.98 27.67 -27.03
C LYS B 512 28.84 26.35 -26.30
N ALA B 513 29.95 25.60 -26.25
CA ALA B 513 29.92 24.28 -25.60
C ALA B 513 30.15 24.41 -24.09
N ASP B 514 31.01 25.35 -23.69
CA ASP B 514 31.25 25.56 -22.27
C ASP B 514 29.95 25.77 -21.52
N ALA B 515 29.00 26.48 -22.13
CA ALA B 515 27.69 26.66 -21.54
C ALA B 515 26.90 25.35 -21.52
N PHE B 516 27.01 24.57 -22.60
CA PHE B 516 26.25 23.32 -22.70
C PHE B 516 26.61 22.38 -21.56
N PHE B 517 27.89 22.15 -21.35
CA PHE B 517 28.30 21.20 -20.32
C PHE B 517 28.07 21.76 -18.93
N VAL B 518 28.11 23.08 -18.77
CA VAL B 518 27.76 23.67 -17.49
C VAL B 518 26.29 23.43 -17.17
N MET B 519 25.43 23.53 -18.19
CA MET B 519 24.02 23.23 -17.99
C MET B 519 23.83 21.79 -17.55
N MET B 520 24.52 20.87 -18.22
CA MET B 520 24.41 19.46 -17.87
C MET B 520 24.88 19.20 -16.44
N PHE B 521 26.07 19.70 -16.12
CA PHE B 521 26.64 19.48 -14.80
C PHE B 521 25.76 20.06 -13.71
N THR B 522 25.23 21.26 -13.93
CA THR B 522 24.39 21.91 -12.93
C THR B 522 23.11 21.12 -12.69
N LEU B 523 22.47 20.65 -13.76
CA LEU B 523 21.26 19.87 -13.58
C LEU B 523 21.55 18.57 -12.83
N MET B 524 22.65 17.91 -13.17
CA MET B 524 23.01 16.68 -12.47
C MET B 524 23.19 16.94 -10.98
N MET B 525 23.89 18.02 -10.62
CA MET B 525 24.14 18.29 -9.22
C MET B 525 22.85 18.61 -8.49
N VAL B 526 21.92 19.31 -9.14
CA VAL B 526 20.63 19.54 -8.53
C VAL B 526 19.95 18.22 -8.21
N ALA B 527 19.95 17.29 -9.17
CA ALA B 527 19.29 16.01 -8.96
C ALA B 527 19.94 15.25 -7.81
N TYR B 528 21.27 15.19 -7.79
CA TYR B 528 21.96 14.48 -6.73
C TYR B 528 21.66 15.06 -5.36
N SER B 529 21.70 16.39 -5.25
CA SER B 529 21.45 17.00 -3.95
C SER B 529 20.03 16.75 -3.47
N ALA B 530 19.06 16.84 -4.38
CA ALA B 530 17.68 16.59 -3.99
C ALA B 530 17.47 15.14 -3.56
N SER B 531 17.98 14.20 -4.34
CA SER B 531 17.85 12.79 -3.98
C SER B 531 18.54 12.51 -2.66
N SER B 532 19.70 13.13 -2.43
CA SER B 532 20.41 12.97 -1.18
C SER B 532 19.57 13.46 -0.01
N MET B 533 18.91 14.61 -0.16
CA MET B 533 18.04 15.10 0.90
C MET B 533 16.91 14.12 1.14
N ALA B 534 16.32 13.58 0.08
CA ALA B 534 15.25 12.61 0.24
C ALA B 534 15.74 11.38 1.00
N LEU B 535 16.95 10.92 0.70
CA LEU B 535 17.53 9.80 1.45
C LEU B 535 17.67 10.15 2.92
N ALA B 536 18.24 11.31 3.22
CA ALA B 536 18.43 11.71 4.60
C ALA B 536 17.11 11.77 5.35
N ILE B 537 16.03 12.07 4.65
CA ILE B 537 14.72 12.15 5.30
C ILE B 537 14.05 10.78 5.40
N ALA B 538 14.30 9.88 4.47
CA ALA B 538 13.60 8.61 4.40
C ALA B 538 14.38 7.46 5.01
N ALA B 539 15.69 7.59 5.18
CA ALA B 539 16.50 6.49 5.69
C ALA B 539 16.01 6.11 7.09
N GLY B 540 16.01 4.80 7.35
CA GLY B 540 15.57 4.31 8.64
C GLY B 540 14.10 4.53 8.90
N GLN B 541 13.27 4.36 7.89
CA GLN B 541 11.82 4.42 8.02
C GLN B 541 11.19 3.28 7.26
N SER B 542 10.08 2.78 7.79
CA SER B 542 9.31 1.71 7.16
C SER B 542 8.05 2.23 6.49
N VAL B 543 7.63 3.45 6.78
CA VAL B 543 6.47 4.07 6.15
C VAL B 543 6.97 5.16 5.22
N VAL B 544 6.38 5.23 4.02
CA VAL B 544 6.89 6.08 2.96
C VAL B 544 6.06 7.36 2.85
N SER B 545 4.77 7.28 3.17
CA SER B 545 3.86 8.38 2.90
C SER B 545 4.31 9.66 3.61
N VAL B 546 4.67 9.53 4.90
CA VAL B 546 5.08 10.71 5.66
C VAL B 546 6.29 11.36 5.00
N ALA B 547 7.26 10.54 4.57
CA ALA B 547 8.44 11.08 3.92
C ALA B 547 8.07 11.83 2.64
N THR B 548 7.18 11.26 1.84
CA THR B 548 6.80 11.91 0.59
C THR B 548 6.16 13.26 0.85
N LEU B 549 5.25 13.31 1.83
CA LEU B 549 4.61 14.59 2.15
C LEU B 549 5.64 15.61 2.61
N LEU B 550 6.59 15.18 3.45
CA LEU B 550 7.63 16.10 3.92
C LEU B 550 8.45 16.62 2.75
N MET B 551 8.83 15.74 1.82
CA MET B 551 9.65 16.16 0.70
C MET B 551 8.91 17.19 -0.16
N THR B 552 7.63 16.92 -0.45
CA THR B 552 6.88 17.87 -1.26
C THR B 552 6.80 19.23 -0.58
N ILE B 553 6.51 19.24 0.72
CA ILE B 553 6.40 20.50 1.44
C ILE B 553 7.72 21.26 1.38
N CYS B 554 8.83 20.57 1.67
CA CYS B 554 10.13 21.20 1.62
C CYS B 554 10.38 21.80 0.25
N PHE B 555 10.00 21.08 -0.81
CA PHE B 555 10.31 21.55 -2.15
C PHE B 555 9.45 22.75 -2.54
N VAL B 556 8.21 22.81 -2.08
CA VAL B 556 7.43 24.03 -2.35
C VAL B 556 8.10 25.22 -1.68
N PHE B 557 8.46 25.07 -0.42
CA PHE B 557 9.07 26.21 0.29
C PHE B 557 10.42 26.57 -0.31
N MET B 558 11.10 25.60 -0.92
CA MET B 558 12.30 25.93 -1.66
C MET B 558 11.97 26.69 -2.94
N MET B 559 10.90 26.27 -3.62
CA MET B 559 10.56 26.87 -4.90
C MET B 559 10.21 28.33 -4.76
N ILE B 560 9.47 28.70 -3.70
CA ILE B 560 9.10 30.10 -3.54
C ILE B 560 10.32 30.99 -3.55
N PHE B 561 11.40 30.55 -2.91
CA PHE B 561 12.61 31.33 -2.83
C PHE B 561 13.52 31.16 -4.04
N SER B 562 13.01 30.54 -5.10
CA SER B 562 13.67 30.65 -6.39
C SER B 562 13.44 32.03 -6.98
N GLY B 563 14.36 32.45 -7.82
CA GLY B 563 14.41 33.86 -8.21
C GLY B 563 13.18 34.32 -8.98
N LEU B 564 12.44 33.40 -9.58
CA LEU B 564 11.42 33.79 -10.54
C LEU B 564 10.24 34.47 -9.87
N LEU B 565 9.74 33.90 -8.78
CA LEU B 565 8.42 34.29 -8.29
C LEU B 565 8.46 35.45 -7.30
N VAL B 566 9.64 35.83 -6.81
CA VAL B 566 9.70 36.65 -5.60
C VAL B 566 10.64 37.85 -5.70
N ASN B 567 11.59 37.88 -6.62
CA ASN B 567 12.52 39.01 -6.69
C ASN B 567 13.29 39.14 -5.37
N LEU B 568 14.13 38.16 -5.08
CA LEU B 568 14.76 38.02 -3.78
C LEU B 568 15.33 39.32 -3.23
N THR B 569 15.73 40.26 -4.09
CA THR B 569 16.26 41.52 -3.57
C THR B 569 15.23 42.25 -2.73
N THR B 570 13.94 41.94 -2.92
CA THR B 570 12.87 42.65 -2.24
C THR B 570 12.55 42.06 -0.88
N ILE B 571 12.83 40.77 -0.65
CA ILE B 571 12.42 40.13 0.58
C ILE B 571 13.03 40.84 1.78
N ALA B 572 12.34 40.78 2.90
CA ALA B 572 12.80 41.43 4.12
C ALA B 572 14.07 40.77 4.64
N SER B 573 14.85 41.55 5.39
CA SER B 573 16.14 41.08 5.86
C SER B 573 15.99 39.92 6.83
N TRP B 574 14.94 39.92 7.64
CA TRP B 574 14.82 38.89 8.67
C TRP B 574 14.30 37.58 8.08
N LEU B 575 13.99 37.57 6.79
CA LEU B 575 13.57 36.36 6.10
C LEU B 575 14.44 36.02 4.90
N SER B 576 15.31 36.92 4.47
CA SER B 576 16.13 36.66 3.30
C SER B 576 17.03 35.45 3.51
N TRP B 577 17.51 35.24 4.73
CA TRP B 577 18.52 34.23 4.99
C TRP B 577 18.03 32.82 4.65
N LEU B 578 16.71 32.60 4.54
CA LEU B 578 16.21 31.29 4.18
C LEU B 578 16.54 30.94 2.73
N GLN B 579 16.82 31.94 1.90
CA GLN B 579 17.09 31.66 0.50
C GLN B 579 18.37 30.84 0.32
N TYR B 580 19.19 30.74 1.35
CA TYR B 580 20.45 30.00 1.28
C TYR B 580 20.27 28.52 1.56
N PHE B 581 19.03 28.07 1.79
CA PHE B 581 18.72 26.67 2.05
C PHE B 581 17.97 26.04 0.88
N SER B 582 17.98 26.69 -0.29
CA SER B 582 17.18 26.28 -1.42
C SER B 582 18.07 25.72 -2.52
N ILE B 583 17.85 24.46 -2.88
CA ILE B 583 18.57 23.87 -4.01
C ILE B 583 18.17 24.55 -5.32
N PRO B 584 16.88 24.72 -5.63
CA PRO B 584 16.52 25.30 -6.93
C PRO B 584 17.09 26.68 -7.14
N ARG B 585 17.26 27.46 -6.07
CA ARG B 585 17.85 28.78 -6.23
C ARG B 585 19.24 28.69 -6.82
N TYR B 586 20.06 27.78 -6.29
CA TYR B 586 21.42 27.66 -6.78
C TYR B 586 21.44 27.20 -8.22
N GLY B 587 20.67 26.15 -8.53
CA GLY B 587 20.65 25.67 -9.91
C GLY B 587 20.13 26.70 -10.88
N PHE B 588 19.00 27.33 -10.54
CA PHE B 588 18.38 28.31 -11.42
C PHE B 588 19.29 29.51 -11.63
N THR B 589 19.91 29.99 -10.55
CA THR B 589 20.83 31.12 -10.66
C THR B 589 22.00 30.78 -11.56
N ALA B 590 22.55 29.58 -11.42
CA ALA B 590 23.67 29.18 -12.27
C ALA B 590 23.26 29.15 -13.74
N LEU B 591 22.09 28.59 -14.02
CA LEU B 591 21.64 28.54 -15.40
C LEU B 591 21.43 29.93 -15.98
N GLN B 592 20.80 30.81 -15.20
CA GLN B 592 20.63 32.19 -15.66
C GLN B 592 21.97 32.84 -15.97
N HIS B 593 22.91 32.75 -15.03
CA HIS B 593 24.21 33.37 -15.23
C HIS B 593 24.92 32.76 -16.42
N ASN B 594 24.56 31.54 -16.79
CA ASN B 594 25.19 30.91 -17.95
C ASN B 594 24.58 31.43 -19.26
N GLU B 595 23.28 31.73 -19.24
CA GLU B 595 22.57 32.04 -20.47
C GLU B 595 22.44 33.53 -20.74
N PHE B 596 21.94 34.29 -19.77
CA PHE B 596 21.60 35.68 -20.04
C PHE B 596 22.82 36.54 -20.32
N LEU B 597 24.00 36.10 -19.90
CA LEU B 597 25.18 36.93 -20.07
C LEU B 597 25.47 37.16 -21.54
N GLY B 598 25.70 38.42 -21.90
CA GLY B 598 25.97 38.76 -23.29
C GLY B 598 24.80 38.57 -24.21
N GLN B 599 23.61 38.98 -23.79
CA GLN B 599 22.41 38.93 -24.61
C GLN B 599 21.74 40.30 -24.59
N ASN B 600 21.18 40.70 -25.72
CA ASN B 600 20.53 41.98 -25.89
C ASN B 600 19.07 41.76 -26.26
N PHE B 601 18.16 42.30 -25.45
CA PHE B 601 16.73 42.05 -25.62
C PHE B 601 15.96 43.29 -26.08
N CYS B 602 16.65 44.34 -26.53
CA CYS B 602 15.98 45.51 -27.07
C CYS B 602 16.39 45.67 -28.52
N PRO B 603 15.63 45.13 -29.47
CA PRO B 603 16.04 45.18 -30.86
C PRO B 603 15.77 46.54 -31.48
N GLY B 604 16.67 46.97 -32.35
CA GLY B 604 16.53 48.26 -33.00
C GLY B 604 16.59 49.43 -32.05
N LEU B 605 17.33 49.29 -30.95
CA LEU B 605 17.50 50.41 -30.04
C LEU B 605 18.25 51.55 -30.70
N ASN B 606 19.32 51.22 -31.43
CA ASN B 606 20.11 52.17 -32.21
C ASN B 606 21.02 53.02 -31.33
N ALA B 607 20.82 52.97 -30.01
CA ALA B 607 21.66 53.61 -28.99
C ALA B 607 22.02 55.04 -29.37
N THR B 608 21.27 55.71 -30.25
CA THR B 608 21.62 57.07 -30.64
C THR B 608 21.10 58.07 -29.62
N GLY B 609 19.81 57.96 -29.28
CA GLY B 609 19.31 58.71 -28.13
C GLY B 609 19.93 58.23 -26.83
N ASN B 610 20.39 56.97 -26.81
CA ASN B 610 21.06 56.36 -25.67
C ASN B 610 20.16 56.28 -24.45
N ASN B 611 18.85 56.42 -24.62
CA ASN B 611 17.91 56.45 -23.51
C ASN B 611 16.97 55.25 -23.59
N PRO B 612 17.25 54.15 -22.88
CA PRO B 612 16.27 53.06 -22.78
C PRO B 612 15.25 53.25 -21.66
N CYS B 613 15.14 54.45 -21.11
CA CYS B 613 14.20 54.86 -20.06
C CYS B 613 14.58 54.30 -18.69
N ASN B 614 15.61 53.46 -18.61
CA ASN B 614 16.02 52.81 -17.37
C ASN B 614 14.96 51.89 -16.81
N TYR B 615 13.88 51.64 -17.55
CA TYR B 615 12.83 50.71 -17.16
C TYR B 615 12.70 49.55 -18.15
N ALA B 616 13.68 49.39 -19.03
CA ALA B 616 13.53 48.53 -20.19
C ALA B 616 14.12 47.14 -20.00
N THR B 617 15.16 47.00 -19.19
CA THR B 617 15.87 45.73 -19.08
C THR B 617 16.35 45.29 -20.46
N CYS B 618 17.16 46.15 -21.09
CA CYS B 618 17.56 45.94 -22.47
C CYS B 618 18.75 45.00 -22.60
N THR B 619 19.29 44.48 -21.50
CA THR B 619 20.44 43.60 -21.56
C THR B 619 20.34 42.56 -20.46
N GLY B 620 20.97 41.42 -20.69
CA GLY B 620 20.92 40.34 -19.72
C GLY B 620 21.62 40.69 -18.42
N GLU B 621 22.79 41.33 -18.51
CA GLU B 621 23.50 41.75 -17.32
C GLU B 621 22.61 42.59 -16.41
N GLU B 622 21.83 43.50 -17.01
CA GLU B 622 20.95 44.35 -16.23
C GLU B 622 19.87 43.54 -15.53
N TYR B 623 19.29 42.57 -16.22
CA TYR B 623 18.29 41.71 -15.60
C TYR B 623 18.89 40.96 -14.42
N LEU B 624 20.10 40.42 -14.60
CA LEU B 624 20.73 39.66 -13.53
C LEU B 624 20.95 40.55 -12.31
N VAL B 625 21.54 41.72 -12.50
CA VAL B 625 21.84 42.58 -11.34
C VAL B 625 20.55 43.02 -10.67
N LYS B 626 19.47 43.17 -11.45
CA LYS B 626 18.20 43.56 -10.86
C LYS B 626 17.56 42.40 -10.10
N GLN B 627 17.97 41.17 -10.43
CA GLN B 627 17.48 40.01 -9.69
C GLN B 627 18.39 39.63 -8.52
N GLY B 628 19.52 40.30 -8.36
CA GLY B 628 20.42 40.04 -7.24
C GLY B 628 21.66 39.26 -7.58
N ILE B 629 21.75 38.70 -8.78
CA ILE B 629 22.86 37.81 -9.12
C ILE B 629 24.14 38.61 -9.30
N ASP B 630 25.27 37.90 -9.24
CA ASP B 630 26.59 38.48 -9.41
C ASP B 630 27.14 38.05 -10.76
N LEU B 631 27.68 39.01 -11.51
CA LEU B 631 28.15 38.78 -12.85
C LEU B 631 29.56 38.23 -12.91
N SER B 632 30.27 38.18 -11.79
CA SER B 632 31.61 37.63 -11.78
C SER B 632 31.55 36.12 -11.95
N PRO B 633 32.64 35.51 -12.41
CA PRO B 633 32.63 34.06 -12.58
C PRO B 633 32.37 33.29 -11.30
N TRP B 634 32.60 33.93 -10.14
CA TRP B 634 32.48 33.23 -8.88
C TRP B 634 31.04 32.80 -8.58
N GLY B 635 30.04 33.54 -9.09
CA GLY B 635 28.66 33.23 -8.74
C GLY B 635 28.25 31.84 -9.16
N LEU B 636 28.49 31.51 -10.42
CA LEU B 636 28.14 30.20 -10.95
C LEU B 636 28.79 29.09 -10.13
N TRP B 637 30.09 29.21 -9.90
CA TRP B 637 30.82 28.13 -9.25
C TRP B 637 30.50 28.04 -7.77
N LYS B 638 30.13 29.16 -7.14
CA LYS B 638 29.73 29.10 -5.74
C LYS B 638 28.41 28.38 -5.59
N ASN B 639 27.51 28.55 -6.56
CA ASN B 639 26.27 27.79 -6.53
C ASN B 639 26.56 26.30 -6.61
N HIS B 640 27.45 25.90 -7.52
CA HIS B 640 27.79 24.49 -7.62
C HIS B 640 28.45 23.99 -6.34
N VAL B 641 29.32 24.81 -5.74
CA VAL B 641 29.99 24.44 -4.51
C VAL B 641 28.98 24.19 -3.40
N ALA B 642 27.99 25.08 -3.26
CA ALA B 642 26.98 24.89 -2.23
C ALA B 642 26.22 23.60 -2.45
N LEU B 643 25.89 23.30 -3.71
CA LEU B 643 25.20 22.04 -3.99
C LEU B 643 26.03 20.84 -3.54
N ALA B 644 27.33 20.87 -3.84
CA ALA B 644 28.18 19.74 -3.43
C ALA B 644 28.19 19.59 -1.91
N CYS B 645 28.31 20.70 -1.19
CA CYS B 645 28.31 20.61 0.27
C CYS B 645 27.01 20.03 0.79
N MET B 646 25.88 20.44 0.21
CA MET B 646 24.60 19.89 0.64
C MET B 646 24.55 18.38 0.39
N ILE B 647 25.09 17.94 -0.75
CA ILE B 647 25.13 16.52 -1.05
C ILE B 647 25.86 15.77 0.06
N VAL B 648 27.06 16.24 0.39
CA VAL B 648 27.87 15.55 1.39
C VAL B 648 27.16 15.51 2.74
N ILE B 649 26.61 16.66 3.14
CA ILE B 649 25.94 16.74 4.44
C ILE B 649 24.82 15.70 4.51
N PHE B 650 23.98 15.65 3.49
CA PHE B 650 22.80 14.79 3.56
C PHE B 650 23.18 13.32 3.49
N LEU B 651 24.18 12.97 2.66
CA LEU B 651 24.60 11.57 2.60
C LEU B 651 25.18 11.12 3.92
N THR B 652 26.01 11.95 4.55
CA THR B 652 26.55 11.59 5.85
C THR B 652 25.43 11.41 6.87
N ILE B 653 24.43 12.28 6.83
CA ILE B 653 23.30 12.12 7.75
C ILE B 653 22.61 10.78 7.52
N ALA B 654 22.42 10.40 6.26
CA ALA B 654 21.77 9.11 5.98
C ALA B 654 22.60 7.96 6.53
N TYR B 655 23.92 8.02 6.34
CA TYR B 655 24.77 6.95 6.84
C TYR B 655 24.66 6.83 8.35
N LEU B 656 24.70 7.97 9.05
CA LEU B 656 24.61 7.91 10.50
C LEU B 656 23.23 7.41 10.94
N LYS B 657 22.19 7.69 10.15
CA LYS B 657 20.87 7.22 10.51
C LYS B 657 20.75 5.71 10.33
N LEU B 658 21.43 5.15 9.33
CA LEU B 658 21.47 3.71 9.17
C LEU B 658 22.32 3.04 10.22
N LEU B 659 23.44 3.66 10.58
CA LEU B 659 24.38 3.07 11.52
C LEU B 659 23.90 3.11 12.95
N PHE B 660 22.94 3.98 13.27
CA PHE B 660 22.31 4.05 14.58
C PHE B 660 20.88 3.55 14.55
N LEU B 661 20.52 2.78 13.53
CA LEU B 661 19.22 2.15 13.46
C LEU B 661 19.15 1.00 14.46
N LYS B 662 17.92 0.62 14.82
CA LYS B 662 17.72 -0.47 15.77
C LYS B 662 17.75 -1.79 15.02
N LYS B 663 18.87 -2.50 15.12
CA LYS B 663 19.06 -3.78 14.47
C LYS B 663 19.23 -4.85 15.55
N TYR B 664 18.11 -5.41 15.98
CA TYR B 664 18.09 -6.39 17.05
C TYR B 664 16.66 -6.91 17.23
#